data_5FXW
#
_entry.id   5FXW
#
_cell.length_a   90.630
_cell.length_b   109.440
_cell.length_c   118.210
_cell.angle_alpha   90.00
_cell.angle_beta   90.00
_cell.angle_gamma   90.00
#
_symmetry.space_group_name_H-M   'P 21 21 21'
#
loop_
_entity.id
_entity.type
_entity.pdbx_description
1 polymer 'HISTONE DEMETHYLASE UTY'
2 non-polymer 'ZINC ION'
3 non-polymer 'MANGANESE (II) ION'
4 non-polymer 'FUMARIC ACID'
5 non-polymer 1,2-ETHANEDIOL
6 water water
#
_entity_poly.entity_id   1
_entity_poly.type   'polypeptide(L)'
_entity_poly.pdbx_seq_one_letter_code
;MLPKDKLNPPTPSIYLENKRDAFFPPLHQFCTNPKNPVTVIRGLAGALKLDLGLFSTKTLVEANNEHMVEVRTQLLQPAD
ENWDPTGTKKIWRCESNRSHTTIAKYAQYQASSFQESLREENEKRTQHKDHSDNESTSSENSGRRRKGPFKTIKFGTNID
LSDNKKWKLQLHELTKLPAFARVVSAGNLLTHVGHTILGMNTVQLYMKVPGSRTPGHQENNNFCSVNINIGPGDCEWFVV
PEDYWGVLNDFCEKNNLNFLMSSWWPNLEDLYEANVPVYRFIQRPGDLVWINAGTVHWVQAVGWCNNIAWNVGPLTACQY
KLAVERYEWNKLKSVKSPVPMVHLSWNMARNIKVSDPKLFEMIKYCLLKILKQYQTLREALVAAGKEVIWHGRTNDEPAH
YCSICEVEVFNLLFVTNESNTQKTYIVHCHDCARKTSKSLENFVVLEQYKMEDLIQVYDQFTLALSLSSSSAENLYFQ
;
_entity_poly.pdbx_strand_id   A,B
#
loop_
_chem_comp.id
_chem_comp.type
_chem_comp.name
_chem_comp.formula
EDO non-polymer 1,2-ETHANEDIOL 'C2 H6 O2'
FUM non-polymer 'FUMARIC ACID' 'C4 H4 O4'
MN non-polymer 'MANGANESE (II) ION' 'Mn 2'
ZN non-polymer 'ZINC ION' 'Zn 2'
#
# COMPACT_ATOMS: atom_id res chain seq x y z
N LYS A 4 -9.48 2.08 38.57
CA LYS A 4 -9.99 1.20 37.52
C LYS A 4 -8.83 0.52 36.76
N ASP A 5 -8.98 -0.79 36.48
CA ASP A 5 -8.02 -1.50 35.65
C ASP A 5 -8.02 -0.87 34.26
N LYS A 6 -9.14 -0.24 33.91
CA LYS A 6 -9.30 0.42 32.62
C LYS A 6 -8.49 1.70 32.56
N LEU A 7 -7.93 2.14 33.69
CA LEU A 7 -7.08 3.32 33.70
C LEU A 7 -5.62 2.93 33.47
N ASN A 8 -5.39 1.61 33.43
CA ASN A 8 -4.11 1.02 33.05
C ASN A 8 -4.29 0.02 31.92
N PRO A 9 -4.69 0.49 30.73
CA PRO A 9 -5.00 -0.47 29.66
C PRO A 9 -3.77 -1.22 29.16
N PRO A 10 -3.96 -2.41 28.60
CA PRO A 10 -2.87 -3.16 27.98
C PRO A 10 -2.38 -2.44 26.72
N THR A 11 -1.11 -2.62 26.38
CA THR A 11 -0.52 -2.00 25.18
C THR A 11 -0.86 -2.77 23.91
N PRO A 12 -1.43 -2.09 22.90
CA PRO A 12 -1.61 -2.78 21.62
C PRO A 12 -0.23 -3.13 21.09
N SER A 13 0.03 -4.43 21.01
N SER A 13 0.05 -4.43 20.98
CA SER A 13 1.35 -4.89 20.71
CA SER A 13 1.42 -4.91 20.80
C SER A 13 1.28 -5.90 19.58
C SER A 13 1.48 -6.06 19.79
N ILE A 14 2.31 -5.91 18.76
CA ILE A 14 2.48 -6.91 17.71
C ILE A 14 3.92 -7.40 17.72
N TYR A 15 4.16 -8.71 17.76
CA TYR A 15 5.55 -9.19 17.62
C TYR A 15 5.79 -9.80 16.24
N LEU A 16 6.76 -9.22 15.54
CA LEU A 16 7.14 -9.71 14.23
C LEU A 16 8.25 -10.74 14.35
N GLU A 17 8.18 -11.82 13.56
CA GLU A 17 9.27 -12.78 13.46
C GLU A 17 10.09 -12.59 12.18
N ASN A 18 9.42 -12.29 11.09
CA ASN A 18 10.08 -12.32 9.80
C ASN A 18 9.54 -11.27 8.89
N LYS A 19 10.07 -11.23 7.67
CA LYS A 19 9.69 -10.19 6.73
C LYS A 19 8.21 -10.29 6.38
N ARG A 20 7.68 -11.50 6.35
CA ARG A 20 6.27 -11.69 6.01
C ARG A 20 5.34 -10.99 7.00
N ASP A 21 5.64 -11.12 8.28
CA ASP A 21 4.89 -10.45 9.34
C ASP A 21 4.91 -8.93 9.13
N ALA A 22 6.07 -8.41 8.75
CA ALA A 22 6.24 -6.97 8.57
C ALA A 22 5.49 -6.42 7.35
N PHE A 23 5.30 -7.24 6.33
CA PHE A 23 4.64 -6.79 5.09
C PHE A 23 3.19 -7.24 5.03
N PHE A 24 2.75 -7.90 6.10
CA PHE A 24 1.36 -8.34 6.23
C PHE A 24 0.44 -7.13 6.33
N PRO A 25 -0.49 -6.98 5.38
CA PRO A 25 -1.41 -5.82 5.35
C PRO A 25 -2.21 -5.57 6.65
N PRO A 26 -2.66 -6.62 7.34
CA PRO A 26 -3.35 -6.31 8.61
C PRO A 26 -2.50 -5.60 9.69
N LEU A 27 -1.18 -5.55 9.52
CA LEU A 27 -0.33 -4.79 10.44
C LEU A 27 -0.55 -3.29 10.23
N HIS A 28 -0.50 -2.90 8.97
CA HIS A 28 -0.80 -1.56 8.52
C HIS A 28 -2.15 -1.05 9.02
N GLN A 29 -3.18 -1.86 8.88
CA GLN A 29 -4.52 -1.45 9.25
C GLN A 29 -4.68 -1.32 10.76
N PHE A 30 -3.99 -2.20 11.49
CA PHE A 30 -3.98 -2.13 12.95
C PHE A 30 -3.42 -0.79 13.46
N CYS A 31 -2.28 -0.37 12.90
CA CYS A 31 -1.66 0.88 13.31
C CYS A 31 -2.52 2.11 13.03
N THR A 32 -3.18 2.16 11.88
CA THR A 32 -3.89 3.38 11.51
C THR A 32 -5.31 3.40 12.05
N ASN A 33 -5.71 2.31 12.70
CA ASN A 33 -6.99 2.20 13.38
C ASN A 33 -7.15 3.16 14.55
N PRO A 34 -8.09 4.13 14.44
CA PRO A 34 -8.29 5.14 15.48
C PRO A 34 -8.45 4.59 16.89
N LYS A 35 -8.89 3.34 17.00
CA LYS A 35 -9.09 2.73 18.30
C LYS A 35 -7.78 2.40 19.03
N ASN A 36 -6.67 2.30 18.29
CA ASN A 36 -5.35 2.04 18.89
C ASN A 36 -4.52 3.32 18.92
N PRO A 37 -4.38 3.92 20.12
CA PRO A 37 -3.67 5.20 20.28
C PRO A 37 -2.21 5.05 19.99
N VAL A 38 -1.71 3.86 20.25
CA VAL A 38 -0.31 3.53 19.99
C VAL A 38 -0.24 2.05 19.65
N THR A 39 0.67 1.70 18.76
CA THR A 39 0.97 0.32 18.47
C THR A 39 2.47 0.13 18.69
N VAL A 40 2.83 -0.89 19.46
CA VAL A 40 4.23 -1.25 19.64
C VAL A 40 4.52 -2.46 18.78
N ILE A 41 5.37 -2.26 17.78
CA ILE A 41 5.75 -3.33 16.87
C ILE A 41 7.05 -3.93 17.35
N ARG A 42 6.93 -5.02 18.09
CA ARG A 42 8.10 -5.64 18.66
C ARG A 42 8.86 -6.51 17.67
N GLY A 43 10.19 -6.43 17.73
CA GLY A 43 11.04 -7.25 16.90
C GLY A 43 11.16 -6.81 15.46
N LEU A 44 10.81 -5.55 15.18
CA LEU A 44 10.73 -5.04 13.83
C LEU A 44 12.09 -5.09 13.15
N ALA A 45 13.11 -4.58 13.83
CA ALA A 45 14.42 -4.50 13.19
C ALA A 45 14.99 -5.90 12.88
N GLY A 46 14.79 -6.84 13.79
CA GLY A 46 15.21 -8.22 13.61
C GLY A 46 14.42 -8.93 12.53
N ALA A 47 13.11 -8.71 12.53
CA ALA A 47 12.24 -9.23 11.48
C ALA A 47 12.72 -8.83 10.09
N LEU A 48 13.14 -7.57 9.95
CA LEU A 48 13.57 -7.05 8.66
C LEU A 48 15.08 -7.17 8.44
N LYS A 49 15.80 -7.59 9.47
CA LYS A 49 17.28 -7.51 9.46
C LYS A 49 17.76 -6.08 9.20
N LEU A 50 17.16 -5.12 9.89
CA LEU A 50 17.67 -3.74 9.85
C LEU A 50 18.98 -3.66 10.62
N ASP A 51 19.99 -3.03 10.02
CA ASP A 51 21.25 -2.85 10.69
C ASP A 51 21.17 -1.62 11.59
N LEU A 52 20.87 -1.84 12.88
CA LEU A 52 20.76 -0.75 13.85
C LEU A 52 22.13 -0.13 14.11
N GLY A 53 23.18 -0.90 13.80
CA GLY A 53 24.55 -0.41 13.92
C GLY A 53 24.83 0.85 13.10
N LEU A 54 24.08 1.05 12.01
CA LEU A 54 24.25 2.27 11.20
C LEU A 54 23.90 3.52 11.98
N PHE A 55 23.24 3.34 13.12
CA PHE A 55 22.83 4.46 13.93
C PHE A 55 23.47 4.43 15.30
N SER A 56 24.43 3.53 15.51
CA SER A 56 25.15 3.53 16.78
C SER A 56 25.94 4.83 16.87
N THR A 57 26.18 5.26 18.11
CA THR A 57 26.96 6.47 18.36
C THR A 57 28.35 6.39 17.72
N LYS A 58 29.01 5.24 17.85
CA LYS A 58 30.30 5.03 17.20
C LYS A 58 30.24 5.33 15.72
N THR A 59 29.25 4.79 15.02
CA THR A 59 29.10 5.06 13.59
C THR A 59 28.77 6.54 13.30
N LEU A 60 27.92 7.13 14.12
CA LEU A 60 27.46 8.51 13.87
C LEU A 60 28.65 9.47 13.95
N VAL A 61 29.48 9.26 14.96
CA VAL A 61 30.70 10.04 15.12
C VAL A 61 31.58 9.91 13.87
N GLU A 62 31.83 8.68 13.44
CA GLU A 62 32.63 8.44 12.24
C GLU A 62 32.04 9.15 11.01
N ALA A 63 30.72 9.18 10.89
CA ALA A 63 30.09 9.76 9.69
C ALA A 63 30.16 11.30 9.62
N ASN A 64 29.68 11.97 10.68
CA ASN A 64 29.61 13.45 10.74
C ASN A 64 29.83 13.94 12.14
N ASN A 65 31.08 13.96 12.60
CA ASN A 65 31.37 14.21 14.01
C ASN A 65 31.09 15.64 14.48
N GLU A 66 31.05 16.59 13.56
CA GLU A 66 30.78 17.97 13.93
C GLU A 66 29.31 18.35 13.72
N HIS A 67 28.45 17.35 13.60
CA HIS A 67 27.04 17.60 13.31
C HIS A 67 26.35 18.20 14.52
N MET A 68 25.44 19.15 14.31
CA MET A 68 24.80 19.86 15.42
C MET A 68 23.86 18.98 16.22
N VAL A 69 23.90 19.18 17.54
CA VAL A 69 23.01 18.50 18.47
C VAL A 69 22.37 19.51 19.41
N GLU A 70 21.04 19.47 19.54
CA GLU A 70 20.37 20.31 20.53
C GLU A 70 20.43 19.61 21.87
N VAL A 71 20.97 20.28 22.88
CA VAL A 71 21.12 19.69 24.21
C VAL A 71 20.04 20.17 25.16
N ARG A 72 19.30 19.23 25.75
CA ARG A 72 18.42 19.59 26.85
C ARG A 72 19.08 19.15 28.16
N THR A 73 19.30 20.11 29.06
CA THR A 73 19.85 19.82 30.36
C THR A 73 18.70 19.68 31.36
N GLN A 74 18.61 18.51 31.96
CA GLN A 74 17.47 18.12 32.78
C GLN A 74 17.90 17.59 34.13
N LEU A 75 16.93 17.36 34.99
CA LEU A 75 17.15 16.64 36.22
C LEU A 75 16.84 15.17 36.04
N LEU A 76 17.71 14.31 36.55
CA LEU A 76 17.44 12.88 36.58
C LEU A 76 16.40 12.60 37.66
N GLN A 77 15.16 12.37 37.23
CA GLN A 77 14.03 12.17 38.15
C GLN A 77 13.79 10.68 38.31
N PRO A 78 13.23 10.28 39.47
CA PRO A 78 12.99 8.86 39.80
C PRO A 78 11.76 8.31 39.12
N ALA A 79 11.90 7.14 38.51
CA ALA A 79 10.78 6.45 37.87
C ALA A 79 9.95 7.39 36.96
N ASP A 80 8.67 7.46 37.29
CA ASP A 80 7.67 8.13 36.46
C ASP A 80 7.25 9.45 37.05
N GLU A 81 8.04 9.96 37.97
CA GLU A 81 7.63 11.16 38.68
C GLU A 81 8.40 12.38 38.23
N ASN A 82 7.89 13.54 38.59
CA ASN A 82 8.60 14.79 38.38
C ASN A 82 8.39 15.67 39.59
N TRP A 83 9.47 15.97 40.29
CA TRP A 83 9.41 16.75 41.52
C TRP A 83 9.93 18.13 41.28
N ASP A 84 9.49 19.09 42.09
CA ASP A 84 10.14 20.40 42.07
C ASP A 84 11.56 20.22 42.59
N PRO A 85 12.46 21.15 42.24
CA PRO A 85 13.88 21.00 42.61
C PRO A 85 14.10 20.76 44.10
N THR A 86 13.24 21.32 44.95
CA THR A 86 13.39 21.18 46.40
C THR A 86 13.08 19.75 46.90
N GLY A 87 12.21 19.03 46.18
CA GLY A 87 11.88 17.66 46.53
C GLY A 87 10.65 17.58 47.40
N THR A 88 9.88 18.67 47.40
CA THR A 88 8.74 18.82 48.29
C THR A 88 7.47 18.22 47.73
N LYS A 89 7.19 18.54 46.46
CA LYS A 89 6.01 18.00 45.81
C LYS A 89 6.20 17.70 44.33
N LYS A 90 5.29 16.89 43.80
CA LYS A 90 5.28 16.57 42.39
C LYS A 90 4.56 17.66 41.62
N ILE A 91 5.24 18.20 40.62
CA ILE A 91 4.71 19.26 39.79
C ILE A 91 4.80 18.87 38.32
N TRP A 92 4.05 19.58 37.47
CA TRP A 92 4.02 19.25 36.03
C TRP A 92 5.19 19.86 35.26
N ARG A 93 5.66 21.03 35.67
CA ARG A 93 6.74 21.70 34.96
C ARG A 93 8.07 20.95 35.02
N CYS A 94 8.77 20.87 33.88
CA CYS A 94 10.10 20.26 33.83
C CYS A 94 11.20 21.26 33.64
N GLU A 95 12.33 21.04 34.32
CA GLU A 95 13.52 21.82 34.04
C GLU A 95 14.13 21.24 32.76
N SER A 96 14.25 22.05 31.71
CA SER A 96 14.80 21.52 30.45
C SER A 96 15.51 22.60 29.65
N ASN A 97 16.66 23.06 30.15
CA ASN A 97 17.40 24.15 29.52
C ASN A 97 18.14 23.73 28.25
N ARG A 98 18.14 24.62 27.26
CA ARG A 98 18.58 24.29 25.92
C ARG A 98 19.94 24.91 25.57
N SER A 99 20.74 24.13 24.84
CA SER A 99 22.03 24.57 24.33
C SER A 99 22.38 23.74 23.10
N HIS A 100 23.59 23.90 22.57
CA HIS A 100 23.98 23.15 21.40
C HIS A 100 25.29 22.44 21.65
N THR A 101 25.48 21.30 20.98
CA THR A 101 26.78 20.68 20.93
C THR A 101 26.90 19.93 19.63
N THR A 102 27.93 19.09 19.52
CA THR A 102 28.15 18.27 18.34
C THR A 102 28.01 16.77 18.66
N ILE A 103 27.81 15.95 17.64
CA ILE A 103 27.74 14.51 17.84
C ILE A 103 28.98 14.02 18.58
N ALA A 104 30.15 14.48 18.16
CA ALA A 104 31.40 14.03 18.78
C ALA A 104 31.45 14.37 20.26
N LYS A 105 31.02 15.57 20.64
CA LYS A 105 31.11 15.99 22.03
C LYS A 105 30.06 15.30 22.88
N TYR A 106 28.87 15.11 22.31
CA TYR A 106 27.83 14.46 23.07
C TYR A 106 28.16 13.00 23.28
N ALA A 107 28.70 12.37 22.22
CA ALA A 107 29.16 10.98 22.26
C ALA A 107 30.12 10.73 23.42
N GLN A 108 31.08 11.65 23.58
CA GLN A 108 32.04 11.59 24.67
C GLN A 108 31.33 11.59 26.02
N TYR A 109 30.33 12.45 26.16
CA TYR A 109 29.51 12.50 27.38
C TYR A 109 28.69 11.22 27.55
N GLN A 110 28.11 10.72 26.46
CA GLN A 110 27.31 9.50 26.52
C GLN A 110 28.14 8.32 27.05
N ALA A 111 29.35 8.18 26.49
CA ALA A 111 30.22 7.09 26.91
C ALA A 111 30.73 7.29 28.32
N SER A 112 31.17 8.50 28.64
CA SER A 112 31.78 8.67 29.96
C SER A 112 30.70 8.57 31.04
N SER A 113 29.46 8.90 30.68
CA SER A 113 28.33 8.71 31.61
C SER A 113 28.19 7.21 31.99
N PHE A 114 28.34 6.35 30.99
CA PHE A 114 28.21 4.93 31.23
C PHE A 114 29.38 4.40 32.08
N GLN A 115 30.59 4.76 31.69
CA GLN A 115 31.78 4.37 32.43
C GLN A 115 31.67 4.81 33.87
N GLU A 116 31.16 6.03 34.08
CA GLU A 116 31.01 6.54 35.43
C GLU A 116 30.00 5.79 36.30
N SER A 117 28.90 5.34 35.70
CA SER A 117 27.91 4.61 36.49
C SER A 117 28.40 3.17 36.76
N LEU A 118 29.24 2.64 35.87
CA LEU A 118 29.89 1.35 36.13
C LEU A 118 30.73 1.41 37.41
N ARG A 119 31.45 2.52 37.55
CA ARG A 119 32.31 2.73 38.71
C ARG A 119 31.52 2.95 39.98
N GLU A 120 30.39 3.65 39.87
CA GLU A 120 29.55 3.90 41.02
C GLU A 120 28.96 2.59 41.50
N GLU A 121 28.51 1.76 40.56
CA GLU A 121 27.95 0.44 40.86
C GLU A 121 28.97 -0.43 41.60
N ASN A 122 30.25 -0.13 41.40
CA ASN A 122 31.33 -0.84 42.08
C ASN A 122 31.93 -0.06 43.25
N GLU A 123 31.23 0.99 43.69
CA GLU A 123 31.64 1.71 44.88
C GLU A 123 30.92 1.07 46.05
N LYS A 124 29.87 0.32 45.72
CA LYS A 124 29.00 -0.36 46.69
C LYS A 124 28.17 0.66 47.48
N ARG A 125 27.75 0.30 48.69
CA ARG A 125 26.92 1.20 49.50
C ARG A 125 27.64 1.61 50.78
N LYS A 147 11.80 12.80 46.66
CA LYS A 147 12.71 13.77 47.30
C LYS A 147 14.14 13.55 46.80
N GLY A 148 14.86 14.64 46.53
CA GLY A 148 16.20 14.53 45.97
C GLY A 148 17.29 14.75 47.00
N PRO A 149 18.22 15.70 46.73
CA PRO A 149 18.43 16.55 45.55
C PRO A 149 18.76 15.76 44.29
N PHE A 150 18.32 16.25 43.14
CA PHE A 150 18.50 15.52 41.90
C PHE A 150 19.72 15.95 41.11
N LYS A 151 20.35 14.98 40.47
CA LYS A 151 21.49 15.16 39.59
C LYS A 151 21.05 15.75 38.23
N THR A 152 21.99 16.36 37.53
CA THR A 152 21.78 16.94 36.22
C THR A 152 22.25 15.99 35.13
N ILE A 153 21.46 15.86 34.06
CA ILE A 153 21.84 15.07 32.90
C ILE A 153 21.61 15.85 31.61
N LYS A 154 22.26 15.40 30.54
CA LYS A 154 22.11 16.01 29.23
C LYS A 154 21.58 14.99 28.24
N PHE A 155 20.67 15.45 27.40
CA PHE A 155 19.91 14.69 26.43
C PHE A 155 20.19 15.30 25.04
N GLY A 156 20.74 14.51 24.12
CA GLY A 156 20.96 15.00 22.76
C GLY A 156 19.72 14.78 21.92
N THR A 157 19.06 15.87 21.54
N THR A 157 19.02 15.85 21.58
CA THR A 157 17.77 15.77 20.88
CA THR A 157 17.75 15.67 20.89
C THR A 157 17.76 16.35 19.48
C THR A 157 17.67 16.42 19.55
N ASN A 158 16.71 16.02 18.72
CA ASN A 158 16.41 16.64 17.43
C ASN A 158 17.58 16.78 16.46
N ILE A 159 18.41 15.75 16.39
CA ILE A 159 19.55 15.77 15.50
C ILE A 159 19.08 15.59 14.05
N ASP A 160 19.51 16.48 13.17
CA ASP A 160 18.91 16.56 11.86
C ASP A 160 19.60 15.67 10.85
N LEU A 161 18.89 14.62 10.42
CA LEU A 161 19.40 13.66 9.44
C LEU A 161 18.70 13.77 8.08
N SER A 162 18.40 15.00 7.64
CA SER A 162 17.76 15.21 6.35
C SER A 162 18.70 15.11 5.17
N ASP A 163 20.00 15.33 5.41
CA ASP A 163 20.90 15.45 4.28
C ASP A 163 21.33 14.07 3.78
N ASN A 164 20.83 13.70 2.61
CA ASN A 164 21.12 12.42 1.99
C ASN A 164 22.59 12.21 1.64
N LYS A 165 23.33 13.29 1.49
CA LYS A 165 24.75 13.16 1.17
C LYS A 165 25.53 12.77 2.43
N LYS A 166 25.16 13.33 3.56
CA LYS A 166 25.83 13.01 4.82
C LYS A 166 25.33 11.74 5.45
N TRP A 167 24.15 11.29 5.04
CA TRP A 167 23.51 10.17 5.73
C TRP A 167 23.00 9.09 4.77
N LYS A 168 23.70 8.93 3.66
CA LYS A 168 23.27 8.04 2.57
C LYS A 168 22.96 6.64 3.07
N LEU A 169 23.87 6.06 3.84
CA LEU A 169 23.71 4.67 4.27
C LEU A 169 22.61 4.53 5.32
N GLN A 170 22.50 5.52 6.19
CA GLN A 170 21.47 5.52 7.24
C GLN A 170 20.07 5.59 6.66
N LEU A 171 19.86 6.53 5.75
CA LEU A 171 18.54 6.73 5.19
C LEU A 171 18.18 5.56 4.27
N HIS A 172 19.18 4.98 3.61
CA HIS A 172 18.89 3.88 2.69
C HIS A 172 18.32 2.71 3.45
N GLU A 173 18.84 2.47 4.64
CA GLU A 173 18.44 1.35 5.49
C GLU A 173 16.95 1.44 5.87
N LEU A 174 16.44 2.65 6.00
CA LEU A 174 15.06 2.83 6.44
C LEU A 174 14.05 2.64 5.31
N THR A 175 14.55 2.52 4.08
CA THR A 175 13.68 2.17 2.95
C THR A 175 13.32 0.70 3.01
N LYS A 176 13.99 -0.06 3.87
CA LYS A 176 13.66 -1.47 4.05
C LYS A 176 12.39 -1.64 4.88
N LEU A 177 11.86 -0.56 5.46
CA LEU A 177 10.62 -0.67 6.22
C LEU A 177 9.44 -0.90 5.28
N PRO A 178 8.35 -1.49 5.80
CA PRO A 178 7.15 -1.59 4.97
C PRO A 178 6.68 -0.19 4.61
N ALA A 179 6.12 -0.03 3.42
CA ALA A 179 5.81 1.27 2.83
C ALA A 179 5.09 2.21 3.78
N PHE A 180 4.16 1.68 4.58
CA PHE A 180 3.31 2.58 5.35
C PHE A 180 4.08 3.34 6.43
N ALA A 181 5.22 2.78 6.88
CA ALA A 181 5.99 3.41 7.94
C ALA A 181 7.22 4.17 7.44
N ARG A 182 7.46 4.17 6.14
CA ARG A 182 8.61 4.87 5.55
C ARG A 182 8.53 6.40 5.65
N VAL A 183 9.68 7.06 5.66
CA VAL A 183 9.75 8.52 5.60
C VAL A 183 9.07 9.07 4.34
N VAL A 184 9.28 8.38 3.23
CA VAL A 184 8.68 8.74 1.94
C VAL A 184 7.87 7.58 1.37
N SER A 185 6.62 7.86 0.98
CA SER A 185 5.82 6.85 0.32
C SER A 185 4.59 7.48 -0.33
N ALA A 186 4.05 6.78 -1.32
CA ALA A 186 2.98 7.30 -2.15
C ALA A 186 1.71 7.49 -1.36
N GLY A 187 1.60 6.77 -0.25
CA GLY A 187 0.44 6.88 0.62
C GLY A 187 0.65 7.79 1.83
N ASN A 188 1.77 8.52 1.85
CA ASN A 188 2.08 9.38 2.98
C ASN A 188 1.74 10.83 2.61
N LEU A 189 0.83 11.43 3.38
CA LEU A 189 0.40 12.80 3.16
C LEU A 189 1.57 13.79 3.18
N LEU A 190 2.54 13.53 4.03
CA LEU A 190 3.69 14.42 4.15
C LEU A 190 4.59 14.32 2.92
N THR A 191 4.45 13.24 2.16
CA THR A 191 5.14 13.13 0.88
C THR A 191 4.45 14.00 -0.20
N HIS A 192 3.16 14.21 -0.02
CA HIS A 192 2.34 14.97 -0.95
C HIS A 192 2.33 16.46 -0.67
N VAL A 193 2.92 16.85 0.46
CA VAL A 193 3.14 18.26 0.74
C VAL A 193 3.99 18.85 -0.39
N GLY A 194 4.96 18.07 -0.86
CA GLY A 194 5.73 18.47 -2.03
C GLY A 194 6.99 19.27 -1.72
N HIS A 195 7.28 19.42 -0.44
CA HIS A 195 8.52 20.05 -0.02
C HIS A 195 8.90 19.58 1.39
N THR A 196 10.14 19.86 1.78
CA THR A 196 10.67 19.38 3.04
C THR A 196 10.01 20.09 4.20
N ILE A 197 9.53 19.31 5.17
CA ILE A 197 9.13 19.85 6.45
C ILE A 197 10.06 19.20 7.45
N LEU A 198 11.03 19.98 7.90
CA LEU A 198 12.14 19.45 8.68
C LEU A 198 11.69 18.73 9.95
N GLY A 199 12.12 17.49 10.08
CA GLY A 199 11.82 16.71 11.26
C GLY A 199 10.53 15.94 11.11
N MET A 200 9.78 16.25 10.06
CA MET A 200 8.53 15.53 9.84
C MET A 200 8.65 14.59 8.65
N ASN A 201 8.98 15.11 7.47
CA ASN A 201 9.29 14.18 6.38
C ASN A 201 10.81 14.09 6.22
N THR A 202 11.52 14.32 7.33
CA THR A 202 12.94 13.98 7.43
C THR A 202 13.20 13.33 8.78
N VAL A 203 14.26 12.53 8.85
CA VAL A 203 14.53 11.79 10.08
C VAL A 203 15.20 12.65 11.15
N GLN A 204 14.76 12.48 12.38
CA GLN A 204 15.38 13.10 13.55
C GLN A 204 16.07 12.03 14.37
N LEU A 205 17.22 12.35 14.94
CA LEU A 205 17.91 11.41 15.81
C LEU A 205 18.02 11.94 17.24
N TYR A 206 17.98 11.02 18.18
CA TYR A 206 18.04 11.29 19.61
C TYR A 206 19.14 10.42 20.22
N MET A 207 20.07 11.05 20.94
CA MET A 207 21.13 10.33 21.63
C MET A 207 20.92 10.51 23.13
N LYS A 208 20.92 9.43 23.91
CA LYS A 208 20.43 9.54 25.28
C LYS A 208 21.32 8.93 26.35
N VAL A 209 21.11 9.41 27.58
CA VAL A 209 21.60 8.73 28.79
C VAL A 209 20.36 8.45 29.66
N PRO A 210 20.46 7.54 30.65
CA PRO A 210 19.30 7.25 31.49
C PRO A 210 18.67 8.50 32.08
N GLY A 211 17.34 8.59 31.98
CA GLY A 211 16.60 9.73 32.47
C GLY A 211 16.31 10.80 31.42
N SER A 212 16.93 10.70 30.24
CA SER A 212 16.64 11.64 29.16
C SER A 212 15.15 11.59 28.83
N ARG A 213 14.51 12.76 28.89
CA ARG A 213 13.06 12.86 28.80
C ARG A 213 12.61 13.69 27.62
N THR A 214 11.70 13.12 26.84
CA THR A 214 10.91 13.90 25.90
C THR A 214 9.59 14.24 26.59
N PRO A 215 9.39 15.53 26.93
CA PRO A 215 8.19 15.91 27.71
C PRO A 215 6.89 15.75 26.93
N GLY A 216 5.77 15.88 27.63
CA GLY A 216 4.44 15.68 27.07
C GLY A 216 4.14 16.54 25.84
N HIS A 217 3.59 15.90 24.82
CA HIS A 217 3.29 16.60 23.58
C HIS A 217 2.41 15.82 22.65
N GLN A 218 1.82 16.54 21.70
CA GLN A 218 1.25 15.90 20.55
C GLN A 218 2.17 16.24 19.41
N GLU A 219 2.12 15.42 18.36
CA GLU A 219 2.91 15.65 17.17
C GLU A 219 2.46 16.90 16.48
N ASN A 220 3.35 17.47 15.67
CA ASN A 220 3.00 18.65 14.91
C ASN A 220 1.79 18.36 14.04
N ASN A 221 0.80 19.24 14.14
CA ASN A 221 -0.46 19.07 13.44
C ASN A 221 -1.03 17.66 13.56
N ASN A 222 -0.81 17.03 14.71
CA ASN A 222 -1.39 15.74 15.02
C ASN A 222 -1.10 14.65 13.96
N PHE A 223 0.05 14.71 13.30
CA PHE A 223 0.41 13.66 12.38
C PHE A 223 0.95 12.43 13.16
N CYS A 224 0.72 11.24 12.63
CA CYS A 224 1.30 10.05 13.25
C CYS A 224 2.82 10.16 13.30
N SER A 225 3.44 9.42 14.22
N SER A 225 3.43 9.39 14.19
CA SER A 225 4.90 9.38 14.27
CA SER A 225 4.88 9.35 14.27
C SER A 225 5.42 7.93 14.41
C SER A 225 5.42 7.90 14.39
N VAL A 226 6.64 7.72 13.91
CA VAL A 226 7.32 6.44 14.00
C VAL A 226 8.58 6.68 14.83
N ASN A 227 8.84 5.85 15.82
CA ASN A 227 10.06 5.94 16.64
C ASN A 227 10.71 4.56 16.72
N ILE A 228 11.99 4.46 16.34
CA ILE A 228 12.72 3.19 16.50
C ILE A 228 13.84 3.39 17.50
N ASN A 229 13.90 2.51 18.49
CA ASN A 229 14.98 2.48 19.46
C ASN A 229 16.14 1.68 18.88
N ILE A 230 17.31 2.31 18.86
CA ILE A 230 18.54 1.77 18.32
C ILE A 230 19.23 0.87 19.34
N GLY A 231 18.96 1.14 20.60
CA GLY A 231 19.66 0.48 21.69
C GLY A 231 20.96 1.18 22.06
N PRO A 232 21.75 0.55 22.95
CA PRO A 232 21.48 -0.80 23.46
C PRO A 232 20.50 -0.81 24.64
N GLY A 233 20.19 0.34 25.23
CA GLY A 233 19.23 0.40 26.33
C GLY A 233 17.76 0.54 25.96
N ASP A 234 16.90 0.49 26.98
CA ASP A 234 15.45 0.61 26.79
C ASP A 234 14.94 2.04 26.96
N CYS A 235 13.77 2.30 26.37
CA CYS A 235 13.00 3.51 26.65
C CYS A 235 11.68 3.12 27.26
N GLU A 236 11.15 4.00 28.10
CA GLU A 236 9.84 3.79 28.72
C GLU A 236 8.84 4.82 28.21
N TRP A 237 7.69 4.36 27.72
CA TRP A 237 6.71 5.23 27.09
C TRP A 237 5.45 5.43 27.92
N PHE A 238 4.88 6.62 27.81
CA PHE A 238 3.61 6.94 28.44
C PHE A 238 2.70 7.54 27.37
N VAL A 239 1.49 7.01 27.23
CA VAL A 239 0.62 7.36 26.12
C VAL A 239 -0.77 7.62 26.65
N VAL A 240 -1.41 8.68 26.14
CA VAL A 240 -2.77 9.03 26.52
C VAL A 240 -3.54 9.23 25.21
N PRO A 241 -4.72 8.59 25.08
CA PRO A 241 -5.47 8.68 23.82
C PRO A 241 -5.85 10.12 23.47
N GLU A 242 -6.02 10.35 22.18
CA GLU A 242 -6.24 11.69 21.65
C GLU A 242 -7.44 12.38 22.29
N ASP A 243 -8.53 11.66 22.51
CA ASP A 243 -9.74 12.37 22.90
C ASP A 243 -9.72 12.82 24.37
N TYR A 244 -8.62 12.56 25.05
CA TYR A 244 -8.40 13.09 26.40
C TYR A 244 -7.45 14.28 26.42
N TRP A 245 -7.03 14.76 25.27
CA TRP A 245 -5.99 15.80 25.25
C TRP A 245 -6.45 17.09 25.94
N GLY A 246 -7.74 17.36 25.87
CA GLY A 246 -8.30 18.54 26.52
C GLY A 246 -8.20 18.52 28.04
N VAL A 247 -8.25 17.33 28.61
CA VAL A 247 -8.08 17.17 30.05
C VAL A 247 -6.67 17.59 30.41
N LEU A 248 -5.71 17.18 29.60
CA LEU A 248 -4.33 17.54 29.86
C LEU A 248 -4.09 19.02 29.60
N ASN A 249 -4.75 19.57 28.59
CA ASN A 249 -4.65 20.99 28.31
C ASN A 249 -5.11 21.82 29.53
N ASP A 250 -6.19 21.39 30.16
CA ASP A 250 -6.68 22.07 31.38
C ASP A 250 -5.66 22.01 32.52
N PHE A 251 -5.06 20.84 32.73
CA PHE A 251 -4.02 20.68 33.74
C PHE A 251 -2.89 21.66 33.53
N CYS A 252 -2.42 21.75 32.29
CA CYS A 252 -1.36 22.70 31.95
C CYS A 252 -1.75 24.13 32.27
N GLU A 253 -2.99 24.50 31.92
CA GLU A 253 -3.45 25.86 32.16
C GLU A 253 -3.59 26.15 33.63
N LYS A 254 -4.09 25.16 34.38
CA LYS A 254 -4.26 25.33 35.82
C LYS A 254 -2.91 25.37 36.54
N ASN A 255 -1.87 24.86 35.90
CA ASN A 255 -0.54 24.86 36.50
C ASN A 255 0.38 25.85 35.80
N ASN A 256 -0.22 26.87 35.22
CA ASN A 256 0.52 27.95 34.56
C ASN A 256 1.50 27.48 33.48
N LEU A 257 1.01 26.60 32.60
CA LEU A 257 1.87 26.05 31.55
C LEU A 257 1.15 26.11 30.22
N ASN A 258 1.91 26.36 29.15
CA ASN A 258 1.40 26.28 27.80
C ASN A 258 1.49 24.83 27.30
N PHE A 259 0.33 24.21 27.05
CA PHE A 259 0.27 22.83 26.58
C PHE A 259 1.17 22.59 25.36
N LEU A 260 1.15 23.53 24.41
CA LEU A 260 1.90 23.39 23.15
C LEU A 260 3.38 23.77 23.26
N MET A 261 3.70 24.74 24.12
CA MET A 261 5.03 25.34 24.10
C MET A 261 5.89 25.04 25.32
N SER A 262 5.27 24.71 26.45
CA SER A 262 6.01 24.44 27.70
C SER A 262 6.49 23.00 27.82
N SER A 263 7.52 22.79 28.63
CA SER A 263 7.95 21.46 29.04
C SER A 263 7.19 21.00 30.28
N TRP A 264 6.41 19.93 30.14
CA TRP A 264 5.67 19.40 31.28
C TRP A 264 5.71 17.88 31.30
N TRP A 265 5.66 17.32 32.51
CA TRP A 265 5.70 15.88 32.74
C TRP A 265 4.54 15.52 33.66
N PRO A 266 3.49 14.91 33.12
CA PRO A 266 2.23 14.67 33.84
C PRO A 266 2.45 13.91 35.15
N ASN A 267 1.71 14.31 36.17
CA ASN A 267 1.63 13.58 37.41
C ASN A 267 0.61 12.45 37.25
N LEU A 268 1.09 11.20 37.24
CA LEU A 268 0.23 10.06 36.97
C LEU A 268 -0.94 9.97 37.94
N GLU A 269 -0.72 10.49 39.15
CA GLU A 269 -1.73 10.49 40.19
C GLU A 269 -2.83 11.49 39.88
N ASP A 270 -2.45 12.63 39.30
CA ASP A 270 -3.42 13.61 38.79
C ASP A 270 -4.27 12.98 37.71
N LEU A 271 -3.62 12.27 36.79
CA LEU A 271 -4.32 11.71 35.65
C LEU A 271 -5.30 10.62 36.07
N TYR A 272 -4.83 9.76 36.97
CA TYR A 272 -5.65 8.68 37.50
C TYR A 272 -6.87 9.27 38.19
N GLU A 273 -6.64 10.28 39.02
CA GLU A 273 -7.73 11.00 39.67
C GLU A 273 -8.69 11.61 38.66
N ALA A 274 -8.17 12.11 37.53
CA ALA A 274 -9.02 12.72 36.51
C ALA A 274 -9.63 11.66 35.57
N ASN A 275 -9.49 10.40 35.96
CA ASN A 275 -9.98 9.25 35.18
C ASN A 275 -9.46 9.21 33.73
N VAL A 276 -8.20 9.58 33.55
CA VAL A 276 -7.55 9.47 32.26
C VAL A 276 -6.75 8.18 32.18
N PRO A 277 -7.04 7.36 31.15
CA PRO A 277 -6.30 6.12 30.96
C PRO A 277 -4.90 6.40 30.44
N VAL A 278 -3.92 5.70 31.01
CA VAL A 278 -2.53 5.87 30.64
C VAL A 278 -1.98 4.53 30.19
N TYR A 279 -1.56 4.47 28.92
CA TYR A 279 -0.85 3.31 28.39
C TYR A 279 0.60 3.47 28.79
N ARG A 280 1.19 2.42 29.32
CA ARG A 280 2.56 2.44 29.78
C ARG A 280 3.30 1.18 29.30
N PHE A 281 4.51 1.35 28.74
CA PHE A 281 5.24 0.20 28.20
C PHE A 281 6.71 0.47 27.99
N ILE A 282 7.45 -0.63 27.78
CA ILE A 282 8.87 -0.60 27.47
C ILE A 282 9.14 -0.76 25.98
N GLN A 283 9.95 0.13 25.42
CA GLN A 283 10.40 -0.03 24.04
C GLN A 283 11.84 -0.52 24.02
N ARG A 284 12.08 -1.69 23.45
CA ARG A 284 13.40 -2.29 23.45
C ARG A 284 14.08 -2.02 22.13
N PRO A 285 15.40 -2.20 22.07
CA PRO A 285 16.12 -1.95 20.82
C PRO A 285 15.49 -2.75 19.66
N GLY A 286 15.22 -2.07 18.55
CA GLY A 286 14.60 -2.70 17.40
C GLY A 286 13.09 -2.67 17.41
N ASP A 287 12.51 -2.31 18.54
CA ASP A 287 11.07 -2.11 18.62
C ASP A 287 10.69 -0.81 17.90
N LEU A 288 9.64 -0.85 17.09
CA LEU A 288 9.12 0.37 16.47
C LEU A 288 7.86 0.78 17.22
N VAL A 289 7.78 2.06 17.59
CA VAL A 289 6.60 2.61 18.25
C VAL A 289 5.82 3.42 17.22
N TRP A 290 4.56 3.03 16.98
CA TRP A 290 3.67 3.79 16.10
C TRP A 290 2.75 4.66 16.94
N ILE A 291 2.92 5.98 16.86
CA ILE A 291 2.02 6.88 17.57
C ILE A 291 0.91 7.34 16.64
N ASN A 292 -0.32 7.00 16.99
CA ASN A 292 -1.43 7.33 16.11
C ASN A 292 -1.76 8.81 16.20
N ALA A 293 -2.63 9.29 15.31
CA ALA A 293 -2.86 10.74 15.17
C ALA A 293 -3.41 11.39 16.43
N GLY A 294 -2.71 12.43 16.90
CA GLY A 294 -3.15 13.19 18.08
C GLY A 294 -2.86 12.54 19.43
N THR A 295 -2.29 11.34 19.44
CA THR A 295 -2.00 10.63 20.69
C THR A 295 -1.00 11.39 21.52
N VAL A 296 -1.33 11.66 22.78
CA VAL A 296 -0.42 12.40 23.68
C VAL A 296 0.59 11.44 24.30
N HIS A 297 1.85 11.84 24.31
CA HIS A 297 2.88 10.93 24.80
C HIS A 297 4.06 11.71 25.38
N TRP A 298 4.80 11.04 26.27
CA TRP A 298 6.06 11.52 26.80
C TRP A 298 6.95 10.27 27.06
N VAL A 299 8.26 10.45 27.00
CA VAL A 299 9.18 9.30 26.94
C VAL A 299 10.43 9.56 27.79
N GLN A 300 10.92 8.52 28.44
CA GLN A 300 12.22 8.62 29.10
C GLN A 300 13.10 7.43 28.79
N ALA A 301 14.40 7.68 28.67
CA ALA A 301 15.38 6.63 28.50
C ALA A 301 15.56 5.91 29.82
N VAL A 302 15.59 4.59 29.76
CA VAL A 302 15.82 3.76 30.94
C VAL A 302 17.30 3.43 31.02
N GLY A 303 17.90 3.16 29.86
CA GLY A 303 19.33 2.95 29.76
C GLY A 303 20.03 3.94 28.83
N TRP A 304 21.17 3.52 28.30
CA TRP A 304 21.89 4.29 27.29
C TRP A 304 21.43 3.82 25.92
N CYS A 305 20.90 4.74 25.11
CA CYS A 305 20.44 4.36 23.77
C CYS A 305 20.32 5.51 22.80
N ASN A 306 20.14 5.17 21.53
CA ASN A 306 19.70 6.16 20.55
C ASN A 306 18.32 5.82 20.03
N ASN A 307 17.60 6.84 19.57
CA ASN A 307 16.35 6.63 18.86
C ASN A 307 16.40 7.44 17.59
N ILE A 308 15.61 7.00 16.61
CA ILE A 308 15.31 7.77 15.40
C ILE A 308 13.79 7.90 15.27
N ALA A 309 13.33 8.98 14.66
CA ALA A 309 11.90 9.24 14.55
C ALA A 309 11.55 10.17 13.42
N TRP A 310 10.31 10.08 12.99
CA TRP A 310 9.79 10.96 11.95
C TRP A 310 8.27 10.85 11.98
N ASN A 311 7.59 11.63 11.14
CA ASN A 311 6.13 11.56 11.03
C ASN A 311 5.64 10.89 9.75
N VAL A 312 4.38 10.47 9.77
CA VAL A 312 3.71 9.89 8.62
C VAL A 312 2.26 10.35 8.69
N GLY A 313 1.65 10.70 7.55
CA GLY A 313 0.24 11.00 7.53
C GLY A 313 -0.56 10.01 6.70
N PRO A 314 -1.16 9.00 7.37
CA PRO A 314 -1.99 8.04 6.64
C PRO A 314 -3.15 8.74 5.97
N LEU A 315 -3.60 8.24 4.83
CA LEU A 315 -4.76 8.79 4.12
C LEU A 315 -6.04 8.29 4.72
N THR A 316 -6.36 8.78 5.91
CA THR A 316 -7.60 8.41 6.57
C THR A 316 -8.37 9.67 6.93
N ALA A 317 -9.69 9.55 7.02
CA ALA A 317 -10.53 10.66 7.48
C ALA A 317 -10.05 11.13 8.84
N CYS A 318 -9.66 10.19 9.71
CA CYS A 318 -9.23 10.55 11.04
C CYS A 318 -7.98 11.42 11.05
N GLN A 319 -6.99 11.06 10.24
CA GLN A 319 -5.75 11.81 10.21
C GLN A 319 -5.96 13.23 9.66
N TYR A 320 -6.75 13.34 8.60
CA TYR A 320 -6.96 14.63 7.97
C TYR A 320 -7.76 15.55 8.89
N LYS A 321 -8.79 14.99 9.52
CA LYS A 321 -9.59 15.74 10.48
C LYS A 321 -8.74 16.26 11.65
N LEU A 322 -7.93 15.39 12.27
CA LEU A 322 -7.19 15.83 13.45
C LEU A 322 -6.12 16.85 13.06
N ALA A 323 -5.57 16.72 11.86
CA ALA A 323 -4.56 17.65 11.36
C ALA A 323 -5.15 19.03 11.08
N VAL A 324 -6.37 19.04 10.57
CA VAL A 324 -7.05 20.29 10.31
C VAL A 324 -7.41 20.95 11.63
N GLU A 325 -7.88 20.15 12.59
CA GLU A 325 -8.23 20.66 13.92
C GLU A 325 -7.04 21.34 14.60
N ARG A 326 -5.89 20.69 14.60
CA ARG A 326 -4.73 21.28 15.25
C ARG A 326 -4.25 22.50 14.49
N TYR A 327 -4.43 22.48 13.18
CA TYR A 327 -4.06 23.62 12.34
C TYR A 327 -4.83 24.87 12.72
N GLU A 328 -6.13 24.72 12.94
CA GLU A 328 -6.99 25.83 13.34
C GLU A 328 -6.73 26.22 14.80
N TRP A 329 -6.54 25.21 15.65
CA TRP A 329 -6.22 25.44 17.04
C TRP A 329 -4.92 26.24 17.18
N ASN A 330 -3.92 25.90 16.37
CA ASN A 330 -2.67 26.64 16.38
C ASN A 330 -2.81 28.15 16.07
N LYS A 331 -3.78 28.52 15.24
CA LYS A 331 -4.04 29.94 14.92
C LYS A 331 -4.49 30.69 16.17
N LEU A 332 -5.47 30.11 16.88
CA LEU A 332 -5.95 30.67 18.13
C LEU A 332 -4.83 30.83 19.17
N LYS A 333 -3.88 29.89 19.18
CA LYS A 333 -2.84 29.92 20.21
C LYS A 333 -1.60 30.68 19.76
N SER A 334 -1.67 31.30 18.58
CA SER A 334 -0.56 32.04 17.98
C SER A 334 0.70 31.20 17.85
N VAL A 335 0.52 29.95 17.44
CA VAL A 335 1.62 29.01 17.24
C VAL A 335 1.67 28.60 15.77
N LYS A 336 2.86 28.55 15.19
CA LYS A 336 2.98 28.18 13.78
C LYS A 336 2.71 26.69 13.51
N SER A 337 1.95 26.41 12.46
CA SER A 337 1.76 25.04 11.96
C SER A 337 2.85 24.66 10.98
N PRO A 338 3.64 23.64 11.32
CA PRO A 338 4.69 23.17 10.43
C PRO A 338 4.12 22.54 9.18
N VAL A 339 2.90 22.00 9.28
CA VAL A 339 2.26 21.49 8.05
C VAL A 339 1.27 22.53 7.46
N PRO A 340 1.55 22.99 6.24
CA PRO A 340 0.64 23.97 5.59
C PRO A 340 -0.61 23.28 5.04
N MET A 341 -1.65 23.18 5.85
CA MET A 341 -2.78 22.35 5.51
C MET A 341 -3.56 22.84 4.29
N VAL A 342 -3.47 24.14 3.98
CA VAL A 342 -4.12 24.65 2.77
C VAL A 342 -3.36 24.17 1.54
N HIS A 343 -2.05 24.39 1.53
CA HIS A 343 -1.20 23.92 0.44
C HIS A 343 -1.37 22.41 0.22
N LEU A 344 -1.48 21.67 1.33
CA LEU A 344 -1.55 20.22 1.26
C LEU A 344 -2.90 19.79 0.68
N SER A 345 -3.96 20.46 1.10
CA SER A 345 -5.29 20.10 0.62
C SER A 345 -5.42 20.24 -0.91
N TRP A 346 -4.86 21.31 -1.47
CA TRP A 346 -4.89 21.49 -2.92
C TRP A 346 -4.04 20.45 -3.64
N ASN A 347 -2.91 20.06 -3.04
CA ASN A 347 -2.10 19.02 -3.65
C ASN A 347 -2.81 17.68 -3.65
N MET A 348 -3.51 17.36 -2.56
CA MET A 348 -4.32 16.16 -2.50
C MET A 348 -5.38 16.19 -3.62
N ALA A 349 -6.07 17.32 -3.75
CA ALA A 349 -7.13 17.42 -4.74
C ALA A 349 -6.58 17.31 -6.17
N ARG A 350 -5.35 17.76 -6.37
CA ARG A 350 -4.70 17.72 -7.67
C ARG A 350 -4.22 16.31 -8.02
N ASN A 351 -3.68 15.62 -7.02
CA ASN A 351 -2.82 14.46 -7.26
C ASN A 351 -3.25 13.14 -6.62
N ILE A 352 -4.23 13.17 -5.72
CA ILE A 352 -4.61 11.92 -5.05
C ILE A 352 -6.04 11.54 -5.38
N LYS A 353 -6.23 10.28 -5.81
CA LYS A 353 -7.56 9.75 -5.99
C LYS A 353 -8.05 9.28 -4.64
N VAL A 354 -9.14 9.88 -4.18
CA VAL A 354 -9.67 9.62 -2.86
C VAL A 354 -10.93 8.78 -2.98
N SER A 355 -10.92 7.61 -2.35
CA SER A 355 -12.04 6.69 -2.46
C SER A 355 -12.84 6.55 -1.16
N ASP A 356 -12.32 7.07 -0.06
CA ASP A 356 -13.09 7.08 1.18
C ASP A 356 -14.04 8.27 1.21
N PRO A 357 -15.35 7.98 1.21
CA PRO A 357 -16.38 9.02 1.16
C PRO A 357 -16.25 10.03 2.29
N LYS A 358 -15.86 9.60 3.49
CA LYS A 358 -15.78 10.55 4.62
C LYS A 358 -14.63 11.52 4.41
N LEU A 359 -13.46 10.96 4.11
CA LEU A 359 -12.27 11.76 3.86
C LEU A 359 -12.49 12.69 2.67
N PHE A 360 -13.11 12.16 1.61
CA PHE A 360 -13.38 12.96 0.43
C PHE A 360 -14.24 14.18 0.78
N GLU A 361 -15.25 13.95 1.62
CA GLU A 361 -16.17 15.02 1.99
C GLU A 361 -15.47 16.08 2.85
N MET A 362 -14.51 15.65 3.66
CA MET A 362 -13.71 16.58 4.44
C MET A 362 -12.87 17.51 3.56
N ILE A 363 -12.14 16.93 2.61
CA ILE A 363 -11.26 17.71 1.74
C ILE A 363 -12.03 18.69 0.89
N LYS A 364 -13.08 18.19 0.27
CA LYS A 364 -13.97 18.96 -0.57
C LYS A 364 -14.49 20.15 0.25
N TYR A 365 -14.91 19.88 1.48
CA TYR A 365 -15.40 20.93 2.37
C TYR A 365 -14.35 22.02 2.61
N CYS A 366 -13.12 21.61 2.89
CA CYS A 366 -12.06 22.56 3.14
C CYS A 366 -11.73 23.37 1.90
N LEU A 367 -11.69 22.71 0.75
CA LEU A 367 -11.37 23.42 -0.48
C LEU A 367 -12.44 24.47 -0.80
N LEU A 368 -13.70 24.11 -0.60
CA LEU A 368 -14.81 25.00 -0.86
C LEU A 368 -14.69 26.23 0.03
N LYS A 369 -14.27 26.01 1.27
CA LYS A 369 -14.10 27.10 2.23
C LYS A 369 -12.96 28.02 1.83
N ILE A 370 -11.81 27.44 1.51
CA ILE A 370 -10.68 28.20 1.01
C ILE A 370 -11.06 29.03 -0.20
N LEU A 371 -11.73 28.39 -1.14
CA LEU A 371 -12.14 29.02 -2.39
C LEU A 371 -13.05 30.22 -2.14
N LYS A 372 -14.04 30.04 -1.27
CA LYS A 372 -14.98 31.11 -0.93
C LYS A 372 -14.29 32.28 -0.24
N GLN A 373 -13.45 31.99 0.75
CA GLN A 373 -12.72 33.05 1.41
C GLN A 373 -11.81 33.82 0.45
N TYR A 374 -11.14 33.11 -0.45
CA TYR A 374 -10.25 33.72 -1.43
C TYR A 374 -11.02 34.61 -2.41
N GLN A 375 -12.17 34.12 -2.88
CA GLN A 375 -13.02 34.90 -3.76
C GLN A 375 -13.55 36.13 -3.07
N THR A 376 -13.90 35.98 -1.80
CA THR A 376 -14.42 37.13 -1.04
C THR A 376 -13.37 38.22 -0.92
N LEU A 377 -12.17 37.83 -0.48
CA LEU A 377 -11.08 38.77 -0.33
C LEU A 377 -10.73 39.43 -1.66
N ARG A 378 -10.61 38.61 -2.71
CA ARG A 378 -10.20 39.09 -4.03
C ARG A 378 -11.14 40.18 -4.55
N GLU A 379 -12.44 40.03 -4.31
CA GLU A 379 -13.42 41.04 -4.73
C GLU A 379 -13.55 42.21 -3.78
N ALA A 380 -13.02 42.08 -2.57
CA ALA A 380 -12.91 43.24 -1.71
C ALA A 380 -11.78 44.10 -2.28
N LEU A 381 -10.68 43.46 -2.62
CA LEU A 381 -9.53 44.15 -3.17
C LEU A 381 -9.85 44.86 -4.49
N VAL A 382 -10.44 44.13 -5.43
CA VAL A 382 -10.78 44.69 -6.72
C VAL A 382 -11.79 45.85 -6.62
N ALA A 383 -12.77 45.70 -5.73
CA ALA A 383 -13.77 46.73 -5.53
C ALA A 383 -13.21 47.98 -4.87
N ALA A 384 -12.10 47.83 -4.16
CA ALA A 384 -11.45 48.99 -3.54
C ALA A 384 -10.30 49.55 -4.39
N GLY A 385 -10.32 49.27 -5.69
CA GLY A 385 -9.29 49.79 -6.57
C GLY A 385 -7.89 49.23 -6.41
N LYS A 386 -7.75 48.16 -5.62
CA LYS A 386 -6.42 47.57 -5.44
C LYS A 386 -6.11 46.60 -6.59
N GLU A 387 -4.95 46.77 -7.20
CA GLU A 387 -4.52 45.92 -8.30
C GLU A 387 -4.03 44.56 -7.81
N VAL A 388 -4.58 43.49 -8.38
CA VAL A 388 -4.06 42.15 -8.15
C VAL A 388 -3.01 41.88 -9.23
N ILE A 389 -1.78 41.62 -8.82
CA ILE A 389 -0.70 41.40 -9.77
C ILE A 389 -0.46 39.91 -10.00
N TRP A 390 -0.43 39.48 -11.26
CA TRP A 390 -0.14 38.08 -11.54
C TRP A 390 1.32 37.80 -11.25
N HIS A 391 1.58 36.76 -10.44
CA HIS A 391 2.93 36.51 -9.96
C HIS A 391 3.35 35.07 -10.24
N GLY A 392 2.37 34.17 -10.31
CA GLY A 392 2.61 32.78 -10.60
C GLY A 392 3.41 32.07 -9.53
N ARG A 393 4.09 30.99 -9.89
CA ARG A 393 4.78 30.20 -8.90
C ARG A 393 5.79 29.25 -9.55
N THR A 394 6.92 29.03 -8.89
CA THR A 394 7.84 27.95 -9.24
C THR A 394 7.27 26.62 -8.80
N ASN A 395 7.59 25.53 -9.49
CA ASN A 395 7.06 24.25 -9.04
C ASN A 395 7.93 23.72 -7.91
N ASP A 396 7.29 22.97 -7.00
CA ASP A 396 7.92 22.46 -5.77
C ASP A 396 8.28 23.62 -4.83
N GLU A 397 7.70 24.80 -5.10
CA GLU A 397 7.87 25.96 -4.22
C GLU A 397 7.05 25.76 -2.96
N PRO A 398 7.69 25.91 -1.80
CA PRO A 398 6.99 25.68 -0.52
C PRO A 398 5.76 26.57 -0.36
N ALA A 399 4.92 26.23 0.59
CA ALA A 399 3.84 27.12 0.99
C ALA A 399 4.48 28.35 1.63
N HIS A 400 3.71 29.42 1.74
CA HIS A 400 4.25 30.62 2.34
C HIS A 400 3.61 30.91 3.70
N TYR A 401 4.39 31.48 4.62
CA TYR A 401 3.83 31.89 5.90
C TYR A 401 4.02 33.39 6.12
N CYS A 402 3.12 34.01 6.89
CA CYS A 402 3.18 35.45 7.15
C CYS A 402 4.39 35.84 8.00
N SER A 403 5.28 36.68 7.44
CA SER A 403 6.53 37.01 8.10
C SER A 403 6.34 37.63 9.47
N ILE A 404 5.14 38.09 9.76
CA ILE A 404 4.88 38.62 11.08
C ILE A 404 4.17 37.64 12.02
N CYS A 405 3.02 37.12 11.62
CA CYS A 405 2.22 36.33 12.55
C CYS A 405 2.37 34.82 12.30
N GLU A 406 3.04 34.47 11.21
CA GLU A 406 3.38 33.10 10.84
C GLU A 406 2.23 32.19 10.45
N VAL A 407 1.05 32.77 10.21
CA VAL A 407 -0.07 32.04 9.64
C VAL A 407 0.28 31.69 8.19
N GLU A 408 -0.20 30.54 7.70
CA GLU A 408 -0.07 30.21 6.28
C GLU A 408 -0.82 31.21 5.41
N VAL A 409 -0.18 31.64 4.32
CA VAL A 409 -0.81 32.55 3.39
C VAL A 409 -0.89 31.85 2.05
N PHE A 410 -2.11 31.67 1.55
CA PHE A 410 -2.29 30.98 0.28
C PHE A 410 -2.73 31.91 -0.84
N ASN A 411 -2.00 31.82 -1.94
CA ASN A 411 -2.31 32.46 -3.21
C ASN A 411 -2.15 33.99 -3.23
N LEU A 412 -3.03 34.73 -2.56
CA LEU A 412 -2.85 36.18 -2.54
C LEU A 412 -1.80 36.55 -1.48
N LEU A 413 -0.62 36.93 -1.93
CA LEU A 413 0.47 37.31 -1.03
C LEU A 413 0.55 38.83 -0.92
N PHE A 414 0.76 39.34 0.29
CA PHE A 414 0.88 40.79 0.52
C PHE A 414 2.34 41.19 0.78
N VAL A 415 2.90 41.88 -0.19
CA VAL A 415 4.31 42.26 -0.19
C VAL A 415 4.47 43.78 -0.28
N THR A 416 5.38 44.36 0.50
CA THR A 416 5.58 45.81 0.51
C THR A 416 6.07 46.29 -0.85
N ASN A 417 5.78 47.54 -1.19
CA ASN A 417 6.31 48.12 -2.42
C ASN A 417 7.80 47.89 -2.59
N GLU A 418 8.52 48.11 -1.49
CA GLU A 418 9.97 48.01 -1.47
C GLU A 418 10.45 46.58 -1.66
N SER A 419 9.81 45.62 -0.99
CA SER A 419 10.22 44.21 -1.14
C SER A 419 9.92 43.74 -2.56
N ASN A 420 8.82 44.23 -3.13
CA ASN A 420 8.47 43.93 -4.50
C ASN A 420 9.55 44.40 -5.46
N THR A 421 9.91 45.67 -5.36
CA THR A 421 10.95 46.25 -6.22
C THR A 421 12.27 45.50 -6.06
N GLN A 422 12.65 45.22 -4.81
CA GLN A 422 13.90 44.52 -4.53
C GLN A 422 13.80 43.03 -4.89
N LYS A 423 12.60 42.60 -5.25
CA LYS A 423 12.32 41.20 -5.62
C LYS A 423 12.67 40.24 -4.48
N THR A 424 12.50 40.71 -3.24
CA THR A 424 12.68 39.84 -2.07
C THR A 424 11.37 39.19 -1.62
N TYR A 425 10.26 39.72 -2.14
CA TYR A 425 8.92 39.13 -1.94
C TYR A 425 8.68 38.59 -0.53
N ILE A 426 8.80 39.45 0.46
CA ILE A 426 8.57 39.07 1.85
C ILE A 426 7.07 39.07 2.16
N VAL A 427 6.55 37.88 2.44
CA VAL A 427 5.12 37.64 2.46
C VAL A 427 4.45 38.08 3.76
N HIS A 428 3.30 38.74 3.61
CA HIS A 428 2.45 39.09 4.72
C HIS A 428 1.08 38.51 4.46
N CYS A 429 0.34 38.18 5.52
CA CYS A 429 -1.09 37.93 5.35
C CYS A 429 -1.83 39.26 5.25
N HIS A 430 -3.09 39.20 4.81
CA HIS A 430 -3.92 40.37 4.63
C HIS A 430 -4.10 41.19 5.93
N ASP A 431 -4.38 40.52 7.05
CA ASP A 431 -4.61 41.20 8.31
C ASP A 431 -3.38 41.94 8.78
N CYS A 432 -2.23 41.29 8.66
CA CYS A 432 -0.98 41.94 9.04
C CYS A 432 -0.64 43.11 8.11
N ALA A 433 -0.91 42.96 6.82
CA ALA A 433 -0.67 44.06 5.87
C ALA A 433 -1.58 45.26 6.19
N ARG A 434 -2.87 45.00 6.39
CA ARG A 434 -3.83 46.02 6.81
C ARG A 434 -3.45 46.73 8.10
N LYS A 435 -3.07 45.98 9.13
CA LYS A 435 -2.69 46.56 10.41
C LYS A 435 -1.55 47.56 10.26
N THR A 436 -0.64 47.32 9.33
CA THR A 436 0.47 48.24 9.06
C THR A 436 0.06 49.45 8.20
N SER A 437 -0.69 49.16 7.13
CA SER A 437 -0.95 50.11 6.06
C SER A 437 -2.45 50.10 5.79
N LYS A 438 -3.13 51.11 6.34
CA LYS A 438 -4.59 51.08 6.49
C LYS A 438 -5.34 50.79 5.19
N SER A 439 -4.91 51.41 4.09
CA SER A 439 -5.54 51.18 2.79
C SER A 439 -4.67 50.33 1.87
N LEU A 440 -3.71 49.62 2.45
CA LEU A 440 -2.74 48.80 1.73
C LEU A 440 -1.89 49.58 0.76
N GLU A 441 -1.77 50.90 0.99
CA GLU A 441 -1.04 51.77 0.07
C GLU A 441 0.44 51.37 0.03
N ASN A 442 0.91 50.70 1.08
CA ASN A 442 2.30 50.28 1.14
C ASN A 442 2.57 48.92 0.57
N PHE A 443 1.52 48.25 0.10
CA PHE A 443 1.66 46.86 -0.38
C PHE A 443 1.26 46.65 -1.84
N VAL A 444 1.76 45.58 -2.44
CA VAL A 444 1.19 45.07 -3.68
C VAL A 444 0.53 43.72 -3.40
N VAL A 445 -0.48 43.37 -4.19
CA VAL A 445 -1.12 42.07 -4.03
C VAL A 445 -0.64 41.12 -5.13
N LEU A 446 0.10 40.09 -4.73
CA LEU A 446 0.62 39.11 -5.68
C LEU A 446 -0.28 37.87 -5.68
N GLU A 447 -0.55 37.36 -6.87
CA GLU A 447 -1.46 36.22 -7.04
C GLU A 447 -0.72 35.06 -7.67
N GLN A 448 -0.73 33.92 -7.00
CA GLN A 448 0.04 32.76 -7.43
C GLN A 448 -0.76 31.75 -8.27
N TYR A 449 -2.09 31.80 -8.21
CA TYR A 449 -2.94 30.92 -9.01
C TYR A 449 -4.14 31.66 -9.58
N LYS A 450 -4.46 31.41 -10.85
CA LYS A 450 -5.66 32.00 -11.43
C LYS A 450 -6.86 31.33 -10.80
N MET A 451 -7.93 32.08 -10.61
CA MET A 451 -9.11 31.51 -9.96
C MET A 451 -9.72 30.38 -10.78
N GLU A 452 -9.78 30.56 -12.10
CA GLU A 452 -10.28 29.55 -13.02
C GLU A 452 -9.56 28.22 -12.79
N ASP A 453 -8.26 28.31 -12.57
CA ASP A 453 -7.44 27.14 -12.34
C ASP A 453 -7.81 26.42 -11.05
N LEU A 454 -8.02 27.17 -9.98
CA LEU A 454 -8.42 26.57 -8.72
C LEU A 454 -9.84 26.02 -8.80
N ILE A 455 -10.74 26.73 -9.48
CA ILE A 455 -12.11 26.23 -9.65
C ILE A 455 -12.11 24.89 -10.38
N GLN A 456 -11.25 24.80 -11.39
CA GLN A 456 -11.09 23.57 -12.15
C GLN A 456 -10.66 22.42 -11.25
N VAL A 457 -9.59 22.64 -10.48
CA VAL A 457 -9.08 21.61 -9.58
C VAL A 457 -10.21 21.17 -8.65
N TYR A 458 -10.92 22.14 -8.07
CA TYR A 458 -12.03 21.82 -7.19
C TYR A 458 -13.15 21.05 -7.92
N ASP A 459 -13.48 21.45 -9.15
CA ASP A 459 -14.56 20.76 -9.86
C ASP A 459 -14.16 19.37 -10.33
N GLN A 460 -12.89 19.17 -10.64
CA GLN A 460 -12.45 17.86 -11.06
C GLN A 460 -12.13 16.96 -9.87
N PHE A 461 -12.19 17.50 -8.67
CA PHE A 461 -11.97 16.68 -7.49
C PHE A 461 -13.27 15.96 -7.13
N THR A 462 -13.34 14.67 -7.49
CA THR A 462 -14.51 13.86 -7.24
C THR A 462 -14.15 12.50 -6.62
N LEU A 463 -15.13 11.83 -6.04
CA LEU A 463 -14.89 10.58 -5.32
C LEU A 463 -14.58 9.43 -6.29
N ALA A 464 -13.38 8.88 -6.17
CA ALA A 464 -12.97 7.71 -6.94
C ALA A 464 -13.64 6.44 -6.36
N LEU A 465 -13.96 5.49 -7.23
CA LEU A 465 -14.52 4.22 -6.77
C LEU A 465 -13.45 3.20 -6.35
N SER A 466 -13.56 2.69 -5.13
CA SER A 466 -12.75 1.55 -4.71
C SER A 466 -13.61 0.48 -4.04
N LEU A 467 -13.33 -0.78 -4.32
CA LEU A 467 -14.11 -1.85 -3.72
C LEU A 467 -13.52 -2.33 -2.39
N SER A 468 -12.38 -1.76 -2.00
CA SER A 468 -11.71 -2.16 -0.77
C SER A 468 -12.52 -1.75 0.47
N ASP B 5 12.12 -29.41 7.54
CA ASP B 5 12.31 -27.96 7.55
C ASP B 5 11.04 -27.22 7.16
N LYS B 6 10.66 -26.23 7.98
CA LYS B 6 9.44 -25.49 7.72
C LYS B 6 9.57 -24.57 6.50
N LEU B 7 10.79 -24.40 5.98
CA LEU B 7 11.00 -23.61 4.77
C LEU B 7 10.99 -24.50 3.52
N ASN B 8 10.98 -25.81 3.72
N ASN B 8 10.99 -25.80 3.75
CA ASN B 8 10.81 -26.76 2.63
CA ASN B 8 10.83 -26.81 2.69
C ASN B 8 9.67 -27.73 2.95
C ASN B 8 9.67 -27.74 3.05
N PRO B 9 8.43 -27.21 3.03
CA PRO B 9 7.28 -28.00 3.48
C PRO B 9 6.80 -29.05 2.48
N PRO B 10 6.13 -30.11 2.98
CA PRO B 10 5.53 -31.12 2.11
C PRO B 10 4.44 -30.49 1.27
N THR B 11 4.25 -31.02 0.08
CA THR B 11 3.20 -30.56 -0.80
C THR B 11 1.86 -31.22 -0.46
N PRO B 12 0.82 -30.40 -0.26
CA PRO B 12 -0.54 -30.95 -0.07
C PRO B 12 -0.97 -31.79 -1.28
N SER B 13 -1.19 -33.07 -1.00
CA SER B 13 -1.39 -34.08 -2.04
C SER B 13 -2.64 -34.93 -1.85
N ILE B 14 -3.20 -35.36 -2.97
CA ILE B 14 -4.31 -36.28 -2.96
C ILE B 14 -3.91 -37.40 -3.90
N TYR B 15 -3.98 -38.64 -3.41
CA TYR B 15 -3.65 -39.81 -4.22
C TYR B 15 -4.94 -40.53 -4.63
N LEU B 16 -5.26 -40.50 -5.92
CA LEU B 16 -6.45 -41.17 -6.44
C LEU B 16 -6.16 -42.54 -7.02
N GLU B 17 -7.04 -43.50 -6.76
CA GLU B 17 -6.94 -44.83 -7.38
C GLU B 17 -7.98 -45.02 -8.49
N ASN B 18 -9.19 -44.47 -8.30
CA ASN B 18 -10.29 -44.69 -9.24
C ASN B 18 -11.23 -43.49 -9.38
N LYS B 19 -12.20 -43.60 -10.28
CA LYS B 19 -13.07 -42.47 -10.63
C LYS B 19 -13.95 -41.97 -9.48
N ARG B 20 -14.35 -42.88 -8.60
CA ARG B 20 -15.21 -42.53 -7.46
C ARG B 20 -14.52 -41.53 -6.54
N ASP B 21 -13.22 -41.74 -6.33
CA ASP B 21 -12.41 -40.88 -5.49
C ASP B 21 -12.48 -39.41 -5.90
N ALA B 22 -12.44 -39.16 -7.21
CA ALA B 22 -12.34 -37.82 -7.76
C ALA B 22 -13.56 -36.96 -7.49
N PHE B 23 -14.70 -37.59 -7.26
CA PHE B 23 -15.93 -36.84 -7.06
C PHE B 23 -16.29 -36.76 -5.58
N PHE B 24 -15.42 -37.30 -4.73
CA PHE B 24 -15.60 -37.21 -3.28
C PHE B 24 -15.51 -35.74 -2.83
N PRO B 25 -16.60 -35.22 -2.24
CA PRO B 25 -16.71 -33.82 -1.79
C PRO B 25 -15.54 -33.30 -0.92
N PRO B 26 -14.95 -34.15 -0.04
CA PRO B 26 -13.79 -33.57 0.65
C PRO B 26 -12.63 -33.19 -0.29
N LEU B 27 -12.67 -33.65 -1.54
CA LEU B 27 -11.64 -33.28 -2.50
C LEU B 27 -11.79 -31.80 -2.89
N HIS B 28 -13.01 -31.39 -3.19
CA HIS B 28 -13.36 -29.99 -3.39
C HIS B 28 -12.91 -29.11 -2.21
N GLN B 29 -13.21 -29.59 -1.00
CA GLN B 29 -12.95 -28.86 0.24
C GLN B 29 -11.44 -28.78 0.53
N PHE B 30 -10.71 -29.84 0.26
CA PHE B 30 -9.27 -29.83 0.47
C PHE B 30 -8.58 -28.78 -0.39
N CYS B 31 -8.95 -28.75 -1.66
CA CYS B 31 -8.33 -27.85 -2.61
C CYS B 31 -8.59 -26.39 -2.29
N THR B 32 -9.80 -26.05 -1.85
CA THR B 32 -10.13 -24.64 -1.66
C THR B 32 -9.79 -24.12 -0.27
N ASN B 33 -9.31 -25.00 0.60
CA ASN B 33 -8.81 -24.65 1.92
C ASN B 33 -7.59 -23.73 1.83
N PRO B 34 -7.74 -22.48 2.31
CA PRO B 34 -6.69 -21.46 2.30
C PRO B 34 -5.39 -21.93 2.96
N LYS B 35 -5.47 -22.94 3.84
CA LYS B 35 -4.27 -23.48 4.50
C LYS B 35 -3.38 -24.25 3.52
N ASN B 36 -3.98 -24.72 2.42
CA ASN B 36 -3.21 -25.35 1.33
C ASN B 36 -3.04 -24.38 0.15
N PRO B 37 -1.84 -23.82 -0.03
CA PRO B 37 -1.54 -22.84 -1.09
C PRO B 37 -1.61 -23.50 -2.48
N VAL B 38 -1.36 -24.81 -2.51
CA VAL B 38 -1.43 -25.62 -3.72
C VAL B 38 -1.84 -27.04 -3.36
N THR B 39 -2.59 -27.71 -4.23
CA THR B 39 -2.87 -29.13 -4.07
C THR B 39 -2.50 -29.91 -5.33
N VAL B 40 -1.76 -31.01 -5.20
CA VAL B 40 -1.50 -31.85 -6.36
C VAL B 40 -2.36 -33.11 -6.30
N ILE B 41 -3.22 -33.26 -7.29
CA ILE B 41 -4.08 -34.43 -7.37
C ILE B 41 -3.40 -35.49 -8.23
N ARG B 42 -2.73 -36.41 -7.56
CA ARG B 42 -1.92 -37.40 -8.24
C ARG B 42 -2.83 -38.42 -8.90
N GLY B 43 -2.52 -38.79 -10.14
CA GLY B 43 -3.25 -39.83 -10.83
C GLY B 43 -4.61 -39.43 -11.34
N LEU B 44 -4.84 -38.13 -11.48
CA LEU B 44 -6.16 -37.61 -11.77
C LEU B 44 -6.68 -38.10 -13.14
N ALA B 45 -5.85 -37.99 -14.18
CA ALA B 45 -6.30 -38.33 -15.53
C ALA B 45 -6.59 -39.83 -15.70
N GLY B 46 -5.77 -40.69 -15.10
CA GLY B 46 -5.99 -42.13 -15.15
C GLY B 46 -7.21 -42.54 -14.35
N ALA B 47 -7.37 -41.96 -13.16
CA ALA B 47 -8.57 -42.16 -12.34
C ALA B 47 -9.87 -41.87 -13.10
N LEU B 48 -9.88 -40.80 -13.89
CA LEU B 48 -11.10 -40.43 -14.61
C LEU B 48 -11.16 -41.08 -15.98
N LYS B 49 -10.09 -41.78 -16.36
CA LYS B 49 -9.93 -42.28 -17.71
C LYS B 49 -10.09 -41.11 -18.70
N LEU B 50 -9.41 -40.00 -18.40
CA LEU B 50 -9.27 -38.89 -19.33
C LEU B 50 -8.30 -39.27 -20.44
N ASP B 51 -8.67 -39.02 -21.68
CA ASP B 51 -7.78 -39.30 -22.80
C ASP B 51 -6.80 -38.14 -23.07
N LEU B 52 -5.60 -38.24 -22.51
CA LEU B 52 -4.61 -37.19 -22.65
C LEU B 52 -4.06 -37.10 -24.07
N GLY B 53 -4.20 -38.19 -24.81
CA GLY B 53 -3.77 -38.22 -26.20
C GLY B 53 -4.44 -37.15 -27.06
N LEU B 54 -5.63 -36.74 -26.64
CA LEU B 54 -6.35 -35.67 -27.31
C LEU B 54 -5.56 -34.34 -27.29
N PHE B 55 -4.53 -34.27 -26.45
CA PHE B 55 -3.72 -33.06 -26.33
C PHE B 55 -2.26 -33.37 -26.68
N SER B 56 -2.02 -34.55 -27.25
CA SER B 56 -0.67 -34.86 -27.72
C SER B 56 -0.33 -33.91 -28.86
N THR B 57 0.97 -33.65 -29.02
CA THR B 57 1.42 -32.81 -30.10
C THR B 57 0.96 -33.35 -31.45
N LYS B 58 1.05 -34.67 -31.66
CA LYS B 58 0.54 -35.32 -32.89
C LYS B 58 -0.93 -35.00 -33.17
N THR B 59 -1.78 -35.16 -32.16
CA THR B 59 -3.20 -34.89 -32.33
C THR B 59 -3.46 -33.40 -32.64
N LEU B 60 -2.73 -32.51 -31.97
CA LEU B 60 -2.92 -31.06 -32.14
C LEU B 60 -2.56 -30.60 -33.55
N VAL B 61 -1.44 -31.12 -34.06
CA VAL B 61 -1.01 -30.81 -35.42
C VAL B 61 -2.09 -31.19 -36.43
N GLU B 62 -2.60 -32.41 -36.34
CA GLU B 62 -3.68 -32.84 -37.22
C GLU B 62 -4.93 -31.97 -37.08
N ALA B 63 -5.26 -31.53 -35.87
CA ALA B 63 -6.50 -30.79 -35.66
C ALA B 63 -6.46 -29.37 -36.27
N ASN B 64 -5.46 -28.59 -35.89
CA ASN B 64 -5.34 -27.18 -36.28
C ASN B 64 -3.87 -26.81 -36.46
N ASN B 65 -3.26 -27.21 -37.56
CA ASN B 65 -1.82 -27.11 -37.68
C ASN B 65 -1.33 -25.68 -37.79
N GLU B 66 -2.18 -24.76 -38.25
CA GLU B 66 -1.76 -23.37 -38.37
C GLU B 66 -2.17 -22.49 -37.20
N HIS B 67 -2.57 -23.12 -36.10
CA HIS B 67 -3.08 -22.36 -34.94
C HIS B 67 -1.93 -21.57 -34.36
N MET B 68 -2.20 -20.35 -33.92
CA MET B 68 -1.13 -19.50 -33.41
C MET B 68 -0.58 -19.99 -32.08
N VAL B 69 0.73 -19.88 -31.93
CA VAL B 69 1.45 -20.19 -30.69
C VAL B 69 2.29 -19.00 -30.30
N GLU B 70 2.23 -18.57 -29.04
CA GLU B 70 3.16 -17.55 -28.55
C GLU B 70 4.47 -18.19 -28.10
N VAL B 71 5.58 -17.77 -28.68
CA VAL B 71 6.87 -18.34 -28.39
C VAL B 71 7.65 -17.47 -27.44
N ARG B 72 8.12 -18.05 -26.33
CA ARG B 72 9.08 -17.38 -25.49
C ARG B 72 10.44 -18.02 -25.74
N THR B 73 11.40 -17.19 -26.12
CA THR B 73 12.76 -17.64 -26.32
C THR B 73 13.57 -17.38 -25.05
N GLN B 74 14.09 -18.46 -24.47
CA GLN B 74 14.71 -18.39 -23.16
C GLN B 74 16.11 -19.01 -23.17
N LEU B 75 16.85 -18.79 -22.08
CA LEU B 75 18.11 -19.47 -21.89
C LEU B 75 17.87 -20.72 -21.04
N LEU B 76 18.48 -21.83 -21.44
CA LEU B 76 18.38 -23.07 -20.66
C LEU B 76 19.19 -22.96 -19.38
N GLN B 77 18.50 -22.82 -18.24
CA GLN B 77 19.20 -22.64 -16.98
C GLN B 77 19.33 -23.96 -16.24
N PRO B 78 20.37 -24.09 -15.40
CA PRO B 78 20.61 -25.34 -14.65
C PRO B 78 19.71 -25.50 -13.43
N ALA B 79 19.10 -26.67 -13.30
CA ALA B 79 18.28 -27.02 -12.13
C ALA B 79 17.25 -25.95 -11.79
N ASP B 80 17.34 -25.39 -10.59
CA ASP B 80 16.34 -24.46 -10.07
C ASP B 80 16.86 -23.03 -10.05
N GLU B 81 17.97 -22.78 -10.76
CA GLU B 81 18.66 -21.51 -10.68
C GLU B 81 18.40 -20.63 -11.90
N ASN B 82 18.76 -19.36 -11.77
CA ASN B 82 18.75 -18.42 -12.89
C ASN B 82 19.96 -17.51 -12.82
N TRP B 83 20.79 -17.55 -13.86
CA TRP B 83 22.01 -16.76 -13.91
C TRP B 83 21.84 -15.63 -14.91
N ASP B 84 22.62 -14.56 -14.73
CA ASP B 84 22.69 -13.51 -15.75
C ASP B 84 23.28 -14.16 -17.00
N PRO B 85 23.06 -13.57 -18.18
CA PRO B 85 23.51 -14.24 -19.42
C PRO B 85 24.99 -14.66 -19.42
N THR B 86 25.85 -13.87 -18.79
CA THR B 86 27.29 -14.14 -18.79
C THR B 86 27.62 -15.35 -17.95
N GLY B 87 26.81 -15.60 -16.93
CA GLY B 87 26.99 -16.76 -16.06
C GLY B 87 27.77 -16.43 -14.80
N THR B 88 27.82 -15.15 -14.47
CA THR B 88 28.63 -14.65 -13.36
C THR B 88 27.93 -14.69 -12.01
N LYS B 89 26.66 -14.28 -11.95
CA LYS B 89 25.92 -14.34 -10.69
C LYS B 89 24.45 -14.75 -10.90
N LYS B 90 23.80 -15.21 -9.84
CA LYS B 90 22.40 -15.54 -9.93
C LYS B 90 21.51 -14.31 -9.70
N ILE B 91 20.64 -14.01 -10.66
CA ILE B 91 19.72 -12.87 -10.56
C ILE B 91 18.29 -13.34 -10.79
N TRP B 92 17.32 -12.51 -10.43
CA TRP B 92 15.90 -12.88 -10.58
C TRP B 92 15.42 -12.60 -12.00
N ARG B 93 15.93 -11.52 -12.62
CA ARG B 93 15.48 -11.17 -13.97
C ARG B 93 15.91 -12.25 -14.94
N CYS B 94 14.98 -12.78 -15.71
CA CYS B 94 15.34 -13.77 -16.73
C CYS B 94 15.02 -13.30 -18.14
N GLU B 95 15.89 -13.68 -19.10
CA GLU B 95 15.70 -13.31 -20.49
C GLU B 95 14.59 -14.10 -21.19
N SER B 96 13.58 -13.38 -21.71
CA SER B 96 12.40 -14.04 -22.29
C SER B 96 11.76 -13.26 -23.46
N ASN B 97 12.41 -13.29 -24.62
CA ASN B 97 11.89 -12.58 -25.81
C ASN B 97 10.69 -13.27 -26.45
N ARG B 98 9.74 -12.46 -26.91
CA ARG B 98 8.45 -12.94 -27.37
C ARG B 98 8.40 -12.91 -28.89
N SER B 99 7.78 -13.95 -29.49
CA SER B 99 7.53 -14.01 -30.92
C SER B 99 6.31 -14.93 -31.10
N HIS B 100 5.96 -15.24 -32.35
CA HIS B 100 4.83 -16.11 -32.66
C HIS B 100 5.26 -17.22 -33.58
N THR B 101 4.57 -18.35 -33.50
CA THR B 101 4.74 -19.43 -34.48
C THR B 101 3.41 -20.18 -34.59
N THR B 102 3.43 -21.33 -35.26
CA THR B 102 2.23 -22.15 -35.38
C THR B 102 2.43 -23.49 -34.65
N ILE B 103 1.33 -24.17 -34.37
CA ILE B 103 1.42 -25.49 -33.73
C ILE B 103 2.32 -26.42 -34.54
N ALA B 104 2.12 -26.41 -35.85
CA ALA B 104 2.90 -27.24 -36.76
C ALA B 104 4.38 -26.89 -36.70
N LYS B 105 4.69 -25.60 -36.65
CA LYS B 105 6.09 -25.23 -36.67
C LYS B 105 6.73 -25.53 -35.33
N TYR B 106 5.97 -25.36 -34.25
CA TYR B 106 6.54 -25.63 -32.95
C TYR B 106 6.71 -27.16 -32.73
N ALA B 107 5.74 -27.94 -33.17
CA ALA B 107 5.82 -29.42 -33.11
C ALA B 107 7.11 -29.96 -33.74
N GLN B 108 7.43 -29.41 -34.90
CA GLN B 108 8.65 -29.78 -35.60
C GLN B 108 9.86 -29.50 -34.71
N TYR B 109 9.88 -28.34 -34.05
CA TYR B 109 10.95 -28.00 -33.11
C TYR B 109 10.98 -28.89 -31.87
N GLN B 110 9.81 -29.19 -31.33
CA GLN B 110 9.70 -30.04 -30.15
C GLN B 110 10.29 -31.43 -30.44
N ALA B 111 9.93 -31.98 -31.61
CA ALA B 111 10.39 -33.32 -32.03
C ALA B 111 11.89 -33.32 -32.33
N SER B 112 12.37 -32.33 -33.08
CA SER B 112 13.79 -32.33 -33.44
C SER B 112 14.66 -32.06 -32.20
N SER B 113 14.11 -31.33 -31.24
CA SER B 113 14.78 -31.16 -29.94
C SER B 113 15.05 -32.51 -29.24
N PHE B 114 14.05 -33.38 -29.26
CA PHE B 114 14.18 -34.67 -28.59
C PHE B 114 15.23 -35.53 -29.32
N GLN B 115 15.14 -35.59 -30.63
CA GLN B 115 16.10 -36.33 -31.47
C GLN B 115 17.54 -35.89 -31.25
N GLU B 116 17.76 -34.59 -31.15
CA GLU B 116 19.10 -34.06 -30.95
C GLU B 116 19.68 -34.49 -29.59
N SER B 117 18.82 -34.55 -28.55
CA SER B 117 19.35 -34.99 -27.26
C SER B 117 19.52 -36.51 -27.27
N LEU B 118 18.74 -37.22 -28.07
CA LEU B 118 18.96 -38.65 -28.28
C LEU B 118 20.35 -38.89 -28.87
N ARG B 119 20.73 -38.08 -29.84
CA ARG B 119 22.03 -38.24 -30.45
C ARG B 119 23.14 -37.86 -29.50
N GLU B 120 22.92 -36.82 -28.69
CA GLU B 120 23.91 -36.39 -27.72
C GLU B 120 24.16 -37.44 -26.63
N GLU B 121 23.07 -38.01 -26.13
CA GLU B 121 23.10 -39.07 -25.12
C GLU B 121 23.94 -40.24 -25.61
N ASN B 122 24.03 -40.36 -26.93
CA ASN B 122 24.81 -41.38 -27.60
C ASN B 122 26.16 -40.91 -28.14
N GLU B 123 26.68 -39.80 -27.62
CA GLU B 123 28.01 -39.32 -28.00
C GLU B 123 29.09 -39.86 -27.08
N PRO B 149 28.46 -20.37 -21.29
CA PRO B 149 27.37 -19.79 -22.08
C PRO B 149 26.17 -20.76 -22.16
N PHE B 150 24.96 -20.20 -22.11
CA PHE B 150 23.75 -21.02 -22.06
C PHE B 150 23.15 -21.24 -23.44
N LYS B 151 22.61 -22.43 -23.62
CA LYS B 151 21.93 -22.81 -24.83
C LYS B 151 20.59 -22.07 -24.87
N THR B 152 20.06 -21.89 -26.07
CA THR B 152 18.79 -21.21 -26.22
C THR B 152 17.68 -22.22 -26.46
N ILE B 153 16.53 -22.02 -25.81
CA ILE B 153 15.37 -22.86 -26.07
C ILE B 153 14.13 -22.06 -26.38
N LYS B 154 13.16 -22.72 -27.00
CA LYS B 154 11.88 -22.08 -27.30
C LYS B 154 10.74 -22.80 -26.63
N PHE B 155 9.82 -22.00 -26.09
CA PHE B 155 8.72 -22.45 -25.25
C PHE B 155 7.41 -22.00 -25.89
N GLY B 156 6.55 -22.95 -26.24
CA GLY B 156 5.26 -22.61 -26.80
C GLY B 156 4.23 -22.37 -25.72
N THR B 157 3.80 -21.12 -25.59
N THR B 157 3.75 -21.14 -25.62
CA THR B 157 2.93 -20.72 -24.50
CA THR B 157 2.89 -20.79 -24.50
C THR B 157 1.58 -20.14 -24.98
C THR B 157 1.61 -20.08 -24.95
N ASN B 158 0.65 -20.03 -24.03
CA ASN B 158 -0.62 -19.35 -24.24
C ASN B 158 -1.36 -19.69 -25.51
N ILE B 159 -1.36 -20.96 -25.89
CA ILE B 159 -2.07 -21.35 -27.09
C ILE B 159 -3.56 -21.37 -26.79
N ASP B 160 -4.35 -20.73 -27.64
CA ASP B 160 -5.76 -20.46 -27.35
C ASP B 160 -6.67 -21.60 -27.80
N LEU B 161 -7.27 -22.28 -26.84
CA LEU B 161 -8.17 -23.36 -27.15
C LEU B 161 -9.60 -22.96 -26.80
N SER B 162 -9.96 -21.71 -27.05
CA SER B 162 -11.32 -21.24 -26.74
C SER B 162 -12.38 -21.68 -27.77
N ASP B 163 -11.95 -22.00 -28.98
CA ASP B 163 -12.91 -22.25 -30.07
C ASP B 163 -13.40 -23.70 -30.03
N ASN B 164 -14.68 -23.85 -29.64
CA ASN B 164 -15.32 -25.15 -29.51
C ASN B 164 -15.49 -25.87 -30.85
N LYS B 165 -15.48 -25.11 -31.94
CA LYS B 165 -15.59 -25.68 -33.27
C LYS B 165 -14.25 -26.30 -33.69
N LYS B 166 -13.15 -25.67 -33.32
CA LYS B 166 -11.81 -26.21 -33.64
C LYS B 166 -11.31 -27.25 -32.64
N TRP B 167 -11.92 -27.28 -31.45
CA TRP B 167 -11.42 -28.11 -30.36
C TRP B 167 -12.53 -28.90 -29.66
N LYS B 168 -13.57 -29.28 -30.40
CA LYS B 168 -14.74 -29.91 -29.78
C LYS B 168 -14.42 -31.11 -28.88
N LEU B 169 -13.62 -32.03 -29.37
CA LEU B 169 -13.32 -33.26 -28.63
C LEU B 169 -12.38 -32.97 -27.48
N GLN B 170 -11.49 -31.99 -27.63
CA GLN B 170 -10.59 -31.64 -26.54
C GLN B 170 -11.37 -31.09 -25.36
N LEU B 171 -12.26 -30.15 -25.64
CA LEU B 171 -12.98 -29.48 -24.59
C LEU B 171 -14.01 -30.42 -23.98
N HIS B 172 -14.56 -31.31 -24.80
CA HIS B 172 -15.55 -32.25 -24.28
C HIS B 172 -14.93 -33.16 -23.22
N GLU B 173 -13.69 -33.55 -23.45
CA GLU B 173 -12.99 -34.43 -22.52
C GLU B 173 -12.84 -33.77 -21.14
N LEU B 174 -12.74 -32.45 -21.12
CA LEU B 174 -12.52 -31.74 -19.87
C LEU B 174 -13.81 -31.58 -19.07
N THR B 175 -14.96 -31.88 -19.68
CA THR B 175 -16.23 -31.90 -18.94
C THR B 175 -16.33 -33.15 -18.03
N LYS B 176 -15.43 -34.11 -18.21
CA LYS B 176 -15.42 -35.30 -17.38
C LYS B 176 -14.83 -35.01 -16.00
N LEU B 177 -14.29 -33.80 -15.83
CA LEU B 177 -13.72 -33.40 -14.54
C LEU B 177 -14.81 -33.18 -13.52
N PRO B 178 -14.47 -33.26 -12.23
CA PRO B 178 -15.40 -32.88 -11.17
C PRO B 178 -15.73 -31.41 -11.26
N ALA B 179 -16.97 -31.05 -10.91
CA ALA B 179 -17.50 -29.71 -11.13
C ALA B 179 -16.55 -28.60 -10.68
N PHE B 180 -15.93 -28.76 -9.52
CA PHE B 180 -15.20 -27.65 -8.93
C PHE B 180 -13.98 -27.27 -9.77
N ALA B 181 -13.50 -28.22 -10.56
CA ALA B 181 -12.35 -27.96 -11.43
C ALA B 181 -12.70 -27.71 -12.90
N ARG B 182 -13.98 -27.78 -13.25
CA ARG B 182 -14.37 -27.55 -14.64
C ARG B 182 -14.17 -26.11 -15.09
N VAL B 183 -13.85 -25.94 -16.36
CA VAL B 183 -13.76 -24.62 -16.99
C VAL B 183 -15.07 -23.87 -16.89
N VAL B 184 -16.17 -24.59 -17.05
CA VAL B 184 -17.50 -23.99 -16.94
C VAL B 184 -18.33 -24.70 -15.89
N SER B 185 -18.86 -23.95 -14.93
CA SER B 185 -19.75 -24.52 -13.92
C SER B 185 -20.48 -23.45 -13.11
N ALA B 186 -21.61 -23.86 -12.52
CA ALA B 186 -22.47 -22.94 -11.79
C ALA B 186 -21.82 -22.44 -10.50
N GLY B 187 -20.83 -23.19 -10.03
CA GLY B 187 -20.11 -22.82 -8.83
C GLY B 187 -18.81 -22.10 -9.10
N ASN B 188 -18.62 -21.70 -10.36
CA ASN B 188 -17.41 -20.99 -10.77
C ASN B 188 -17.73 -19.51 -11.00
N LEU B 189 -17.08 -18.62 -10.25
CA LEU B 189 -17.33 -17.17 -10.39
C LEU B 189 -17.09 -16.68 -11.83
N LEU B 190 -16.12 -17.28 -12.52
CA LEU B 190 -15.79 -16.85 -13.88
C LEU B 190 -16.84 -17.24 -14.91
N THR B 191 -17.68 -18.22 -14.57
CA THR B 191 -18.80 -18.58 -15.41
C THR B 191 -19.90 -17.54 -15.27
N HIS B 192 -19.90 -16.84 -14.14
CA HIS B 192 -20.92 -15.84 -13.86
C HIS B 192 -20.54 -14.46 -14.41
N VAL B 193 -19.32 -14.32 -14.91
CA VAL B 193 -18.92 -13.10 -15.58
C VAL B 193 -19.86 -12.84 -16.76
N GLY B 194 -20.22 -13.89 -17.48
CA GLY B 194 -21.22 -13.78 -18.53
C GLY B 194 -20.66 -13.49 -19.91
N HIS B 195 -19.34 -13.49 -20.01
CA HIS B 195 -18.68 -13.34 -21.31
C HIS B 195 -17.27 -13.88 -21.22
N THR B 196 -16.65 -14.08 -22.37
CA THR B 196 -15.35 -14.71 -22.42
C THR B 196 -14.24 -13.83 -21.90
N ILE B 197 -13.42 -14.41 -21.02
CA ILE B 197 -12.17 -13.82 -20.61
C ILE B 197 -11.12 -14.79 -21.08
N LEU B 198 -10.45 -14.42 -22.16
CA LEU B 198 -9.56 -15.33 -22.85
C LEU B 198 -8.49 -15.80 -21.89
N GLY B 199 -8.35 -17.11 -21.76
CA GLY B 199 -7.30 -17.69 -20.96
C GLY B 199 -7.72 -17.93 -19.52
N MET B 200 -8.88 -17.40 -19.12
CA MET B 200 -9.34 -17.65 -17.76
C MET B 200 -10.56 -18.58 -17.74
N ASN B 201 -11.65 -18.22 -18.43
CA ASN B 201 -12.74 -19.18 -18.56
C ASN B 201 -12.76 -19.83 -19.94
N THR B 202 -11.58 -19.91 -20.56
CA THR B 202 -11.29 -20.74 -21.73
C THR B 202 -9.92 -21.39 -21.50
N VAL B 203 -9.67 -22.51 -22.16
CA VAL B 203 -8.45 -23.29 -21.94
C VAL B 203 -7.21 -22.74 -22.66
N GLN B 204 -6.09 -22.77 -21.97
CA GLN B 204 -4.79 -22.42 -22.53
C GLN B 204 -3.93 -23.67 -22.69
N LEU B 205 -3.16 -23.80 -23.76
CA LEU B 205 -2.28 -24.96 -23.87
C LEU B 205 -0.84 -24.47 -23.94
N TYR B 206 0.07 -25.32 -23.46
CA TYR B 206 1.51 -25.06 -23.43
C TYR B 206 2.27 -26.20 -24.07
N MET B 207 3.17 -25.93 -25.03
CA MET B 207 3.96 -27.00 -25.63
C MET B 207 5.41 -26.74 -25.26
N LYS B 208 6.09 -27.76 -24.75
CA LYS B 208 7.39 -27.51 -24.11
C LYS B 208 8.56 -28.40 -24.53
N VAL B 209 9.75 -27.88 -24.31
CA VAL B 209 11.00 -28.64 -24.30
C VAL B 209 11.63 -28.51 -22.91
N PRO B 210 12.57 -29.41 -22.56
CA PRO B 210 13.20 -29.33 -21.25
C PRO B 210 13.72 -27.93 -20.98
N GLY B 211 13.49 -27.39 -19.78
CA GLY B 211 13.96 -26.07 -19.43
C GLY B 211 12.96 -24.94 -19.71
N SER B 212 11.88 -25.24 -20.43
CA SER B 212 10.83 -24.23 -20.68
C SER B 212 10.20 -23.72 -19.38
N ARG B 213 10.24 -22.41 -19.17
CA ARG B 213 9.87 -21.85 -17.86
C ARG B 213 8.72 -20.86 -17.90
N THR B 214 7.72 -21.07 -17.04
CA THR B 214 6.74 -20.04 -16.72
C THR B 214 7.21 -19.30 -15.47
N PRO B 215 7.59 -18.02 -15.63
CA PRO B 215 8.18 -17.19 -14.57
C PRO B 215 7.22 -16.91 -13.40
N GLY B 216 7.76 -16.32 -12.34
CA GLY B 216 7.00 -16.04 -11.14
C GLY B 216 5.79 -15.17 -11.38
N HIS B 217 4.67 -15.59 -10.81
CA HIS B 217 3.45 -14.81 -11.00
C HIS B 217 2.39 -15.24 -10.03
N GLN B 218 1.40 -14.37 -9.87
CA GLN B 218 0.13 -14.74 -9.29
C GLN B 218 -0.85 -14.76 -10.45
N GLU B 219 -1.98 -15.46 -10.29
CA GLU B 219 -3.00 -15.46 -11.34
C GLU B 219 -3.66 -14.09 -11.52
N ASN B 220 -4.25 -13.87 -12.70
CA ASN B 220 -5.01 -12.65 -12.95
C ASN B 220 -6.09 -12.52 -11.91
N ASN B 221 -6.16 -11.33 -11.28
CA ASN B 221 -7.08 -11.04 -10.18
C ASN B 221 -7.13 -12.12 -9.10
N ASN B 222 -5.99 -12.78 -8.89
CA ASN B 222 -5.84 -13.80 -7.86
C ASN B 222 -6.88 -14.94 -7.93
N PHE B 223 -7.36 -15.28 -9.11
CA PHE B 223 -8.28 -16.41 -9.20
C PHE B 223 -7.54 -17.76 -9.13
N CYS B 224 -8.18 -18.77 -8.54
CA CYS B 224 -7.53 -20.10 -8.54
C CYS B 224 -7.25 -20.57 -9.97
N SER B 225 -6.30 -21.49 -10.09
CA SER B 225 -5.92 -22.08 -11.36
C SER B 225 -5.87 -23.61 -11.34
N VAL B 226 -6.11 -24.21 -12.50
CA VAL B 226 -6.02 -25.65 -12.73
C VAL B 226 -5.00 -25.91 -13.83
N ASN B 227 -4.07 -26.84 -13.61
CA ASN B 227 -3.07 -27.18 -14.62
C ASN B 227 -2.94 -28.71 -14.73
N ILE B 228 -3.12 -29.25 -15.93
CA ILE B 228 -2.93 -30.68 -16.11
C ILE B 228 -1.71 -30.95 -16.99
N ASN B 229 -0.79 -31.77 -16.49
CA ASN B 229 0.34 -32.16 -17.32
C ASN B 229 -0.09 -33.27 -18.30
N ILE B 230 0.12 -33.04 -19.59
CA ILE B 230 -0.26 -33.99 -20.64
C ILE B 230 0.81 -35.07 -20.82
N GLY B 231 2.05 -34.73 -20.48
CA GLY B 231 3.17 -35.61 -20.72
C GLY B 231 3.74 -35.46 -22.12
N PRO B 232 4.71 -36.32 -22.46
CA PRO B 232 5.14 -37.45 -21.64
C PRO B 232 6.14 -37.13 -20.52
N GLY B 233 6.71 -35.94 -20.51
CA GLY B 233 7.65 -35.57 -19.46
C GLY B 233 7.03 -34.97 -18.20
N ASP B 234 7.89 -34.69 -17.23
CA ASP B 234 7.47 -34.10 -15.96
C ASP B 234 7.62 -32.58 -15.97
N CYS B 235 6.88 -31.92 -15.09
CA CYS B 235 7.11 -30.52 -14.77
C CYS B 235 7.52 -30.36 -13.33
N GLU B 236 8.32 -29.34 -13.07
CA GLU B 236 8.71 -29.04 -11.70
C GLU B 236 8.09 -27.70 -11.31
N TRP B 237 7.42 -27.72 -10.16
CA TRP B 237 6.69 -26.58 -9.65
C TRP B 237 7.35 -25.98 -8.44
N PHE B 238 7.26 -24.66 -8.32
CA PHE B 238 7.71 -23.95 -7.14
C PHE B 238 6.57 -23.07 -6.68
N VAL B 239 6.21 -23.14 -5.40
CA VAL B 239 5.01 -22.46 -4.92
C VAL B 239 5.29 -21.74 -3.59
N VAL B 240 4.74 -20.53 -3.46
CA VAL B 240 4.87 -19.71 -2.26
C VAL B 240 3.48 -19.25 -1.83
N PRO B 241 3.14 -19.44 -0.54
CA PRO B 241 1.77 -19.11 -0.09
C PRO B 241 1.44 -17.63 -0.30
N GLU B 242 0.15 -17.35 -0.44
CA GLU B 242 -0.30 -16.02 -0.78
C GLU B 242 0.16 -14.97 0.21
N ASP B 243 0.17 -15.28 1.51
CA ASP B 243 0.41 -14.23 2.48
C ASP B 243 1.88 -13.81 2.49
N TYR B 244 2.69 -14.42 1.61
CA TYR B 244 4.07 -13.98 1.45
C TYR B 244 4.33 -13.13 0.22
N TRP B 245 3.29 -12.80 -0.54
CA TRP B 245 3.52 -12.17 -1.84
C TRP B 245 4.19 -10.79 -1.67
N GLY B 246 3.94 -10.14 -0.54
CA GLY B 246 4.55 -8.85 -0.24
C GLY B 246 6.06 -8.89 -0.07
N VAL B 247 6.58 -10.02 0.40
CA VAL B 247 8.03 -10.19 0.51
C VAL B 247 8.63 -10.25 -0.88
N LEU B 248 8.00 -11.00 -1.78
CA LEU B 248 8.53 -11.10 -3.13
C LEU B 248 8.35 -9.79 -3.90
N ASN B 249 7.20 -9.14 -3.74
CA ASN B 249 6.99 -7.82 -4.33
C ASN B 249 8.02 -6.80 -3.84
N ASP B 250 8.36 -6.89 -2.56
CA ASP B 250 9.39 -6.02 -2.01
C ASP B 250 10.75 -6.24 -2.69
N PHE B 251 11.14 -7.49 -2.84
CA PHE B 251 12.40 -7.77 -3.53
C PHE B 251 12.40 -7.18 -4.93
N CYS B 252 11.33 -7.41 -5.67
CA CYS B 252 11.25 -6.89 -7.02
C CYS B 252 11.47 -5.37 -7.01
N GLU B 253 10.83 -4.68 -6.07
CA GLU B 253 10.93 -3.21 -6.02
C GLU B 253 12.34 -2.75 -5.68
N LYS B 254 13.01 -3.51 -4.82
CA LYS B 254 14.39 -3.26 -4.45
C LYS B 254 15.38 -3.64 -5.54
N ASN B 255 14.98 -4.48 -6.48
CA ASN B 255 15.90 -4.89 -7.55
C ASN B 255 15.47 -4.52 -8.97
N ASN B 256 14.71 -3.43 -9.09
CA ASN B 256 14.29 -2.89 -10.38
C ASN B 256 13.47 -3.88 -11.25
N LEU B 257 12.45 -4.47 -10.64
CA LEU B 257 11.58 -5.37 -11.35
C LEU B 257 10.14 -5.03 -11.00
N ASN B 258 9.26 -5.13 -11.99
CA ASN B 258 7.82 -5.01 -11.74
C ASN B 258 7.30 -6.40 -11.41
N PHE B 259 6.81 -6.59 -10.18
CA PHE B 259 6.30 -7.86 -9.73
C PHE B 259 5.26 -8.39 -10.72
N LEU B 260 4.39 -7.50 -11.17
CA LEU B 260 3.28 -7.92 -12.01
C LEU B 260 3.64 -8.10 -13.49
N MET B 261 4.57 -7.28 -13.97
N MET B 261 4.57 -7.30 -14.00
CA MET B 261 4.84 -7.13 -15.40
CA MET B 261 4.80 -7.27 -15.44
C MET B 261 6.19 -7.72 -15.86
C MET B 261 6.20 -7.75 -15.87
N SER B 262 7.15 -7.86 -14.95
CA SER B 262 8.48 -8.35 -15.32
C SER B 262 8.54 -9.89 -15.37
N SER B 263 9.47 -10.44 -16.15
CA SER B 263 9.81 -11.85 -16.05
C SER B 263 10.88 -12.07 -15.01
N TRP B 264 10.54 -12.81 -13.95
CA TRP B 264 11.54 -13.09 -12.93
C TRP B 264 11.47 -14.54 -12.44
N TRP B 265 12.62 -15.06 -12.04
CA TRP B 265 12.76 -16.43 -11.55
C TRP B 265 13.51 -16.38 -10.24
N PRO B 266 12.79 -16.56 -9.13
CA PRO B 266 13.36 -16.37 -7.81
C PRO B 266 14.60 -17.22 -7.53
N ASN B 267 15.56 -16.59 -6.88
CA ASN B 267 16.71 -17.29 -6.33
C ASN B 267 16.31 -17.91 -5.00
N LEU B 268 16.28 -19.24 -4.96
CA LEU B 268 15.81 -19.93 -3.77
C LEU B 268 16.59 -19.56 -2.50
N GLU B 269 17.82 -19.10 -2.67
CA GLU B 269 18.64 -18.70 -1.52
C GLU B 269 18.16 -17.40 -0.91
N ASP B 270 17.70 -16.49 -1.76
CA ASP B 270 17.12 -15.24 -1.31
C ASP B 270 15.86 -15.52 -0.50
N LEU B 271 15.03 -16.41 -1.01
CA LEU B 271 13.76 -16.72 -0.39
C LEU B 271 13.98 -17.42 0.95
N TYR B 272 14.93 -18.36 1.00
CA TYR B 272 15.29 -19.01 2.25
C TYR B 272 15.79 -17.99 3.28
N GLU B 273 16.69 -17.12 2.83
CA GLU B 273 17.23 -16.03 3.63
C GLU B 273 16.12 -15.11 4.19
N ALA B 274 15.09 -14.85 3.37
CA ALA B 274 14.00 -13.99 3.80
C ALA B 274 12.94 -14.77 4.55
N ASN B 275 13.24 -16.03 4.89
CA ASN B 275 12.30 -16.93 5.57
C ASN B 275 10.99 -17.14 4.83
N VAL B 276 11.08 -17.28 3.51
CA VAL B 276 9.89 -17.60 2.72
C VAL B 276 9.89 -19.10 2.46
N PRO B 277 8.81 -19.80 2.86
CA PRO B 277 8.72 -21.23 2.59
C PRO B 277 8.38 -21.47 1.11
N VAL B 278 9.05 -22.43 0.51
CA VAL B 278 8.85 -22.74 -0.90
C VAL B 278 8.40 -24.20 -1.00
N TYR B 279 7.20 -24.41 -1.53
CA TYR B 279 6.74 -25.76 -1.80
C TYR B 279 7.27 -26.17 -3.18
N ARG B 280 7.90 -27.33 -3.29
CA ARG B 280 8.37 -27.75 -4.62
C ARG B 280 8.06 -29.22 -4.86
N PHE B 281 7.63 -29.51 -6.08
CA PHE B 281 7.21 -30.86 -6.40
C PHE B 281 7.27 -31.14 -7.89
N ILE B 282 7.17 -32.41 -8.21
CA ILE B 282 7.13 -32.87 -9.58
C ILE B 282 5.69 -33.12 -9.95
N GLN B 283 5.27 -32.56 -11.07
CA GLN B 283 3.99 -32.86 -11.65
C GLN B 283 4.20 -33.84 -12.80
N ARG B 284 3.59 -35.02 -12.68
CA ARG B 284 3.76 -36.09 -13.66
C ARG B 284 2.56 -36.11 -14.61
N PRO B 285 2.69 -36.78 -15.76
CA PRO B 285 1.57 -36.80 -16.71
C PRO B 285 0.28 -37.30 -16.05
N GLY B 286 -0.80 -36.55 -16.20
CA GLY B 286 -2.07 -36.88 -15.57
C GLY B 286 -2.26 -36.30 -14.17
N ASP B 287 -1.21 -35.78 -13.55
CA ASP B 287 -1.37 -35.11 -12.26
C ASP B 287 -2.10 -33.75 -12.48
N LEU B 288 -3.10 -33.43 -11.65
CA LEU B 288 -3.75 -32.12 -11.73
C LEU B 288 -3.22 -31.21 -10.63
N VAL B 289 -2.79 -30.00 -11.00
CA VAL B 289 -2.31 -29.07 -10.00
C VAL B 289 -3.37 -28.01 -9.74
N TRP B 290 -3.79 -27.92 -8.49
CA TRP B 290 -4.72 -26.87 -8.10
C TRP B 290 -3.95 -25.75 -7.47
N ILE B 291 -3.93 -24.58 -8.11
CA ILE B 291 -3.30 -23.40 -7.54
C ILE B 291 -4.32 -22.51 -6.83
N ASN B 292 -4.16 -22.37 -5.51
CA ASN B 292 -5.15 -21.66 -4.69
C ASN B 292 -5.07 -20.13 -4.88
N ALA B 293 -6.06 -19.42 -4.37
CA ALA B 293 -6.19 -17.98 -4.66
C ALA B 293 -4.97 -17.19 -4.15
N GLY B 294 -4.32 -16.48 -5.08
CA GLY B 294 -3.17 -15.66 -4.75
C GLY B 294 -1.84 -16.37 -4.55
N THR B 295 -1.83 -17.68 -4.72
CA THR B 295 -0.59 -18.44 -4.57
C THR B 295 0.44 -18.04 -5.62
N VAL B 296 1.64 -17.70 -5.19
CA VAL B 296 2.70 -17.34 -6.13
C VAL B 296 3.40 -18.60 -6.57
N HIS B 297 3.64 -18.69 -7.88
CA HIS B 297 4.22 -19.92 -8.42
C HIS B 297 5.04 -19.65 -9.67
N TRP B 298 5.95 -20.57 -9.96
CA TRP B 298 6.70 -20.61 -11.20
C TRP B 298 7.01 -22.09 -11.55
N VAL B 299 7.18 -22.37 -12.83
CA VAL B 299 7.18 -23.76 -13.29
C VAL B 299 8.22 -23.96 -14.37
N GLN B 300 8.87 -25.13 -14.38
CA GLN B 300 9.72 -25.49 -15.50
C GLN B 300 9.49 -26.91 -15.99
N ALA B 301 9.63 -27.11 -17.30
CA ALA B 301 9.59 -28.43 -17.89
C ALA B 301 10.86 -29.20 -17.56
N VAL B 302 10.70 -30.46 -17.16
CA VAL B 302 11.85 -31.32 -16.90
C VAL B 302 12.13 -32.14 -18.14
N GLY B 303 11.08 -32.60 -18.79
CA GLY B 303 11.21 -33.27 -20.08
C GLY B 303 10.41 -32.57 -21.16
N TRP B 304 10.07 -33.34 -22.18
CA TRP B 304 9.22 -32.89 -23.28
C TRP B 304 7.77 -33.19 -22.89
N CYS B 305 6.93 -32.15 -22.86
CA CYS B 305 5.52 -32.31 -22.50
C CYS B 305 4.68 -31.15 -22.96
N ASN B 306 3.36 -31.34 -22.93
CA ASN B 306 2.39 -30.26 -23.07
C ASN B 306 1.62 -30.12 -21.77
N ASN B 307 1.09 -28.92 -21.52
CA ASN B 307 0.18 -28.71 -20.41
C ASN B 307 -1.10 -27.99 -20.86
N ILE B 308 -2.16 -28.13 -20.07
CA ILE B 308 -3.33 -27.29 -20.29
C ILE B 308 -3.66 -26.60 -18.98
N ALA B 309 -4.25 -25.42 -19.06
CA ALA B 309 -4.56 -24.72 -17.82
C ALA B 309 -5.66 -23.70 -18.01
N TRP B 310 -6.33 -23.38 -16.93
CA TRP B 310 -7.38 -22.38 -16.96
C TRP B 310 -7.61 -21.92 -15.53
N ASN B 311 -8.48 -20.94 -15.36
CA ASN B 311 -8.79 -20.43 -14.05
C ASN B 311 -10.13 -20.88 -13.58
N VAL B 312 -10.31 -20.80 -12.26
CA VAL B 312 -11.56 -21.11 -11.61
C VAL B 312 -11.72 -20.15 -10.43
N GLY B 313 -12.94 -19.69 -10.20
CA GLY B 313 -13.26 -18.92 -9.01
C GLY B 313 -14.26 -19.62 -8.10
N PRO B 314 -13.78 -20.28 -7.03
CA PRO B 314 -14.68 -20.91 -6.05
C PRO B 314 -15.59 -19.86 -5.41
N LEU B 315 -16.78 -20.23 -4.98
CA LEU B 315 -17.67 -19.29 -4.31
C LEU B 315 -17.28 -19.11 -2.84
N THR B 316 -16.12 -18.54 -2.57
CA THR B 316 -15.71 -18.37 -1.17
C THR B 316 -15.38 -16.92 -0.84
N ALA B 317 -15.53 -16.56 0.44
CA ALA B 317 -15.16 -15.23 0.91
C ALA B 317 -13.70 -14.95 0.61
N CYS B 318 -12.84 -15.96 0.80
CA CYS B 318 -11.42 -15.79 0.55
C CYS B 318 -11.11 -15.46 -0.93
N GLN B 319 -11.74 -16.19 -1.84
CA GLN B 319 -11.50 -15.95 -3.28
C GLN B 319 -11.96 -14.55 -3.71
N TYR B 320 -13.13 -14.14 -3.24
CA TYR B 320 -13.70 -12.86 -3.60
C TYR B 320 -12.85 -11.73 -3.01
N LYS B 321 -12.44 -11.90 -1.76
CA LYS B 321 -11.57 -10.93 -1.11
C LYS B 321 -10.27 -10.72 -1.88
N LEU B 322 -9.60 -11.82 -2.23
CA LEU B 322 -8.31 -11.72 -2.90
C LEU B 322 -8.43 -11.14 -4.30
N ALA B 323 -9.55 -11.40 -4.96
CA ALA B 323 -9.81 -10.87 -6.27
C ALA B 323 -10.07 -9.36 -6.23
N VAL B 324 -10.81 -8.92 -5.20
CA VAL B 324 -11.10 -7.51 -5.04
C VAL B 324 -9.82 -6.76 -4.68
N GLU B 325 -9.03 -7.34 -3.78
CA GLU B 325 -7.76 -6.72 -3.40
C GLU B 325 -6.86 -6.49 -4.61
N ARG B 326 -6.70 -7.51 -5.44
CA ARG B 326 -5.84 -7.45 -6.62
C ARG B 326 -6.42 -6.50 -7.66
N TYR B 327 -7.74 -6.44 -7.73
CA TYR B 327 -8.43 -5.49 -8.60
C TYR B 327 -8.10 -4.03 -8.22
N GLU B 328 -8.09 -3.76 -6.91
CA GLU B 328 -7.75 -2.43 -6.42
C GLU B 328 -6.25 -2.15 -6.54
N TRP B 329 -5.44 -3.19 -6.27
CA TRP B 329 -3.99 -3.08 -6.43
C TRP B 329 -3.59 -2.80 -7.89
N ASN B 330 -4.25 -3.47 -8.83
CA ASN B 330 -3.97 -3.25 -10.24
C ASN B 330 -4.19 -1.77 -10.63
N LYS B 331 -5.14 -1.12 -9.97
CA LYS B 331 -5.39 0.31 -10.25
C LYS B 331 -4.18 1.15 -9.84
N LEU B 332 -3.66 0.95 -8.63
CA LEU B 332 -2.47 1.68 -8.19
C LEU B 332 -1.27 1.48 -9.13
N LYS B 333 -1.16 0.29 -9.68
CA LYS B 333 -0.01 -0.07 -10.52
C LYS B 333 -0.26 0.19 -12.00
N SER B 334 -1.41 0.79 -12.31
CA SER B 334 -1.80 1.06 -13.70
C SER B 334 -1.77 -0.19 -14.57
N VAL B 335 -2.29 -1.28 -14.03
CA VAL B 335 -2.36 -2.56 -14.72
C VAL B 335 -3.83 -2.91 -14.94
N LYS B 336 -4.17 -3.36 -16.14
CA LYS B 336 -5.54 -3.68 -16.42
C LYS B 336 -5.97 -4.94 -15.65
N SER B 337 -7.17 -4.92 -15.08
CA SER B 337 -7.75 -6.13 -14.51
C SER B 337 -8.48 -6.93 -15.58
N PRO B 338 -8.00 -8.15 -15.87
CA PRO B 338 -8.74 -8.96 -16.84
C PRO B 338 -10.13 -9.37 -16.32
N VAL B 339 -10.32 -9.46 -15.01
CA VAL B 339 -11.65 -9.74 -14.49
C VAL B 339 -12.35 -8.45 -14.02
N PRO B 340 -13.49 -8.11 -14.64
CA PRO B 340 -14.24 -6.89 -14.30
C PRO B 340 -15.06 -7.05 -13.03
N MET B 341 -14.44 -6.77 -11.90
CA MET B 341 -15.02 -7.12 -10.61
C MET B 341 -16.30 -6.38 -10.30
N VAL B 342 -16.50 -5.21 -10.91
CA VAL B 342 -17.74 -4.50 -10.66
C VAL B 342 -18.88 -5.24 -11.34
N HIS B 343 -18.71 -5.47 -12.64
CA HIS B 343 -19.64 -6.20 -13.48
C HIS B 343 -19.97 -7.56 -12.91
N LEU B 344 -18.95 -8.23 -12.40
CA LEU B 344 -19.10 -9.60 -11.89
C LEU B 344 -19.92 -9.56 -10.60
N SER B 345 -19.64 -8.59 -9.75
CA SER B 345 -20.32 -8.46 -8.48
C SER B 345 -21.84 -8.24 -8.64
N TRP B 346 -22.24 -7.48 -9.66
CA TRP B 346 -23.67 -7.34 -9.96
C TRP B 346 -24.28 -8.64 -10.49
N ASN B 347 -23.54 -9.37 -11.30
CA ASN B 347 -24.07 -10.63 -11.79
C ASN B 347 -24.23 -11.62 -10.65
N MET B 348 -23.27 -11.65 -9.74
CA MET B 348 -23.39 -12.51 -8.56
C MET B 348 -24.65 -12.16 -7.81
N ALA B 349 -24.89 -10.87 -7.62
CA ALA B 349 -26.06 -10.42 -6.86
C ALA B 349 -27.33 -10.85 -7.60
N ARG B 350 -27.24 -10.93 -8.92
CA ARG B 350 -28.38 -11.36 -9.73
C ARG B 350 -28.66 -12.85 -9.71
N ASN B 351 -27.62 -13.68 -9.69
CA ASN B 351 -27.80 -15.08 -10.05
C ASN B 351 -27.42 -16.05 -8.96
N ILE B 352 -26.78 -15.56 -7.90
CA ILE B 352 -26.29 -16.47 -6.86
C ILE B 352 -26.93 -16.19 -5.52
N LYS B 353 -27.44 -17.26 -4.90
CA LYS B 353 -27.91 -17.18 -3.53
C LYS B 353 -26.73 -17.44 -2.59
N VAL B 354 -26.42 -16.45 -1.75
CA VAL B 354 -25.25 -16.55 -0.89
C VAL B 354 -25.61 -16.91 0.57
N SER B 355 -24.97 -17.95 1.08
CA SER B 355 -25.27 -18.43 2.43
C SER B 355 -24.12 -18.23 3.39
N ASP B 356 -22.95 -17.88 2.89
CA ASP B 356 -21.81 -17.54 3.74
C ASP B 356 -21.87 -16.07 4.13
N PRO B 357 -22.07 -15.79 5.43
CA PRO B 357 -22.21 -14.43 5.97
C PRO B 357 -21.03 -13.51 5.66
N LYS B 358 -19.81 -14.03 5.66
CA LYS B 358 -18.63 -13.21 5.38
C LYS B 358 -18.61 -12.79 3.92
N LEU B 359 -18.82 -13.77 3.05
CA LEU B 359 -18.87 -13.53 1.61
C LEU B 359 -20.00 -12.59 1.27
N PHE B 360 -21.16 -12.83 1.86
CA PHE B 360 -22.32 -11.99 1.62
C PHE B 360 -22.04 -10.53 2.00
N GLU B 361 -21.38 -10.33 3.13
CA GLU B 361 -21.12 -8.97 3.60
C GLU B 361 -20.12 -8.22 2.73
N MET B 362 -19.16 -8.95 2.17
CA MET B 362 -18.20 -8.39 1.23
C MET B 362 -18.92 -7.91 -0.05
N ILE B 363 -19.75 -8.76 -0.61
CA ILE B 363 -20.45 -8.41 -1.84
C ILE B 363 -21.40 -7.23 -1.64
N LYS B 364 -22.18 -7.30 -0.57
CA LYS B 364 -23.15 -6.27 -0.22
C LYS B 364 -22.45 -4.92 -0.08
N TYR B 365 -21.33 -4.92 0.64
CA TYR B 365 -20.51 -3.76 0.84
C TYR B 365 -19.99 -3.19 -0.49
N CYS B 366 -19.47 -4.06 -1.36
CA CYS B 366 -18.96 -3.58 -2.64
C CYS B 366 -20.10 -2.99 -3.49
N LEU B 367 -21.24 -3.66 -3.52
CA LEU B 367 -22.37 -3.20 -4.30
C LEU B 367 -22.92 -1.86 -3.84
N LEU B 368 -23.04 -1.70 -2.52
CA LEU B 368 -23.54 -0.47 -1.95
C LEU B 368 -22.62 0.68 -2.30
N LYS B 369 -21.32 0.40 -2.27
CA LYS B 369 -20.34 1.40 -2.58
C LYS B 369 -20.40 1.79 -4.05
N ILE B 370 -20.46 0.80 -4.93
CA ILE B 370 -20.64 1.05 -6.37
C ILE B 370 -21.90 1.87 -6.61
N LEU B 371 -22.99 1.43 -6.02
CA LEU B 371 -24.28 2.10 -6.16
C LEU B 371 -24.21 3.55 -5.74
N LYS B 372 -23.56 3.83 -4.62
CA LYS B 372 -23.48 5.20 -4.13
C LYS B 372 -22.70 6.12 -5.07
N GLN B 373 -21.50 5.67 -5.45
N GLN B 373 -21.48 5.74 -5.45
CA GLN B 373 -20.62 6.45 -6.30
CA GLN B 373 -20.70 6.62 -6.33
C GLN B 373 -21.33 6.73 -7.63
C GLN B 373 -21.42 6.79 -7.65
N TYR B 374 -22.07 5.73 -8.11
CA TYR B 374 -22.85 5.85 -9.34
C TYR B 374 -24.00 6.84 -9.23
N GLN B 375 -24.73 6.77 -8.11
CA GLN B 375 -25.84 7.71 -7.89
C GLN B 375 -25.37 9.15 -7.81
N THR B 376 -24.27 9.36 -7.11
CA THR B 376 -23.71 10.69 -6.94
C THR B 376 -23.31 11.29 -8.28
N LEU B 377 -22.51 10.53 -9.02
CA LEU B 377 -22.04 10.99 -10.31
C LEU B 377 -23.21 11.29 -11.24
N ARG B 378 -24.17 10.38 -11.34
CA ARG B 378 -25.27 10.52 -12.30
C ARG B 378 -26.02 11.82 -12.13
N GLU B 379 -26.23 12.20 -10.89
CA GLU B 379 -26.98 13.42 -10.64
C GLU B 379 -26.10 14.66 -10.63
N ALA B 380 -24.78 14.48 -10.61
CA ALA B 380 -23.91 15.62 -10.86
C ALA B 380 -24.04 15.99 -12.34
N LEU B 381 -24.00 14.98 -13.19
CA LEU B 381 -24.11 15.13 -14.63
C LEU B 381 -25.43 15.78 -15.03
N VAL B 382 -26.54 15.29 -14.50
CA VAL B 382 -27.85 15.88 -14.82
C VAL B 382 -27.93 17.33 -14.34
N ALA B 383 -27.34 17.62 -13.18
CA ALA B 383 -27.31 18.98 -12.62
C ALA B 383 -26.41 19.96 -13.39
N ALA B 384 -25.44 19.44 -14.11
CA ALA B 384 -24.61 20.29 -14.95
C ALA B 384 -25.20 20.31 -16.35
N GLY B 385 -26.49 20.02 -16.42
CA GLY B 385 -27.23 20.03 -17.68
C GLY B 385 -26.85 18.94 -18.65
N LYS B 386 -26.08 17.96 -18.20
CA LYS B 386 -25.63 16.92 -19.11
C LYS B 386 -26.71 15.83 -19.24
N GLU B 387 -27.12 15.58 -20.47
CA GLU B 387 -28.15 14.59 -20.74
C GLU B 387 -27.60 13.16 -20.59
N VAL B 388 -28.28 12.34 -19.79
CA VAL B 388 -27.94 10.93 -19.74
C VAL B 388 -28.77 10.20 -20.76
N ILE B 389 -28.11 9.59 -21.73
CA ILE B 389 -28.81 8.96 -22.83
C ILE B 389 -28.93 7.44 -22.61
N TRP B 390 -30.14 6.91 -22.71
CA TRP B 390 -30.33 5.48 -22.56
C TRP B 390 -29.72 4.74 -23.74
N HIS B 391 -28.86 3.77 -23.42
CA HIS B 391 -28.10 3.09 -24.44
C HIS B 391 -28.26 1.57 -24.30
N GLY B 392 -28.43 1.11 -23.07
CA GLY B 392 -28.66 -0.31 -22.80
C GLY B 392 -27.55 -1.24 -23.25
N ARG B 393 -27.87 -2.52 -23.43
CA ARG B 393 -26.89 -3.54 -23.79
C ARG B 393 -27.50 -4.87 -24.23
N THR B 394 -26.79 -5.60 -25.09
CA THR B 394 -27.14 -6.99 -25.36
C THR B 394 -26.78 -7.77 -24.09
N ASN B 395 -27.38 -8.93 -23.88
CA ASN B 395 -27.18 -9.62 -22.61
C ASN B 395 -25.80 -10.26 -22.51
N ASP B 396 -25.22 -10.57 -23.66
CA ASP B 396 -23.90 -11.18 -23.71
C ASP B 396 -22.82 -10.13 -23.93
N GLU B 397 -23.18 -8.86 -23.73
CA GLU B 397 -22.25 -7.76 -23.92
C GLU B 397 -21.23 -7.68 -22.80
N PRO B 398 -19.94 -7.70 -23.17
CA PRO B 398 -18.84 -7.68 -22.18
C PRO B 398 -18.90 -6.43 -21.28
N ALA B 399 -18.16 -6.46 -20.17
CA ALA B 399 -17.96 -5.25 -19.39
C ALA B 399 -17.10 -4.29 -20.21
N HIS B 400 -17.14 -3.01 -19.87
CA HIS B 400 -16.33 -2.04 -20.59
C HIS B 400 -15.20 -1.46 -19.75
N TYR B 401 -14.09 -1.20 -20.41
CA TYR B 401 -12.93 -0.59 -19.82
C TYR B 401 -12.62 0.74 -20.54
N CYS B 402 -12.00 1.67 -19.83
CA CYS B 402 -11.63 2.97 -20.39
C CYS B 402 -10.52 2.89 -21.43
N SER B 403 -10.81 3.36 -22.64
CA SER B 403 -9.84 3.31 -23.74
C SER B 403 -8.53 4.06 -23.45
N ILE B 404 -8.52 4.88 -22.40
CA ILE B 404 -7.29 5.56 -22.02
C ILE B 404 -6.53 4.88 -20.87
N CYS B 405 -7.19 4.70 -19.73
CA CYS B 405 -6.51 4.26 -18.53
C CYS B 405 -6.79 2.78 -18.18
N GLU B 406 -7.72 2.19 -18.91
CA GLU B 406 -8.07 0.77 -18.83
C GLU B 406 -8.76 0.37 -17.54
N VAL B 407 -9.22 1.36 -16.77
CA VAL B 407 -10.04 1.05 -15.60
C VAL B 407 -11.38 0.51 -16.08
N GLU B 408 -11.96 -0.40 -15.32
CA GLU B 408 -13.32 -0.84 -15.62
C GLU B 408 -14.23 0.38 -15.51
N VAL B 409 -15.16 0.49 -16.44
CA VAL B 409 -16.12 1.56 -16.38
C VAL B 409 -17.48 0.94 -16.30
N PHE B 410 -18.20 1.24 -15.24
CA PHE B 410 -19.50 0.62 -15.04
C PHE B 410 -20.70 1.54 -15.27
N ASN B 411 -21.61 1.08 -16.13
CA ASN B 411 -22.92 1.71 -16.41
C ASN B 411 -22.81 3.02 -17.22
N LEU B 412 -22.36 4.09 -16.58
CA LEU B 412 -22.19 5.38 -17.27
C LEU B 412 -20.93 5.42 -18.14
N LEU B 413 -21.12 5.32 -19.46
CA LEU B 413 -20.01 5.34 -20.39
C LEU B 413 -19.88 6.74 -21.01
N PHE B 414 -18.64 7.21 -21.09
CA PHE B 414 -18.36 8.53 -21.64
C PHE B 414 -17.78 8.36 -23.01
N VAL B 415 -18.60 8.74 -23.99
CA VAL B 415 -18.26 8.56 -25.39
C VAL B 415 -18.28 9.94 -26.06
N THR B 416 -17.31 10.20 -26.92
CA THR B 416 -17.25 11.50 -27.61
C THR B 416 -18.44 11.68 -28.52
N ASN B 417 -18.80 12.94 -28.75
CA ASN B 417 -19.85 13.26 -29.72
C ASN B 417 -19.67 12.55 -31.05
N GLU B 418 -18.44 12.53 -31.53
CA GLU B 418 -18.14 11.91 -32.82
C GLU B 418 -18.26 10.38 -32.80
N SER B 419 -17.73 9.74 -31.76
CA SER B 419 -17.79 8.28 -31.67
C SER B 419 -19.22 7.82 -31.52
N ASN B 420 -19.99 8.64 -30.80
CA ASN B 420 -21.42 8.42 -30.68
C ASN B 420 -22.12 8.45 -32.04
N THR B 421 -21.89 9.51 -32.80
CA THR B 421 -22.49 9.64 -34.13
C THR B 421 -22.11 8.49 -35.05
N GLN B 422 -20.83 8.16 -35.06
CA GLN B 422 -20.33 7.08 -35.90
C GLN B 422 -20.69 5.69 -35.34
N LYS B 423 -21.26 5.68 -34.14
CA LYS B 423 -21.64 4.44 -33.48
C LYS B 423 -20.45 3.49 -33.26
N THR B 424 -19.27 4.05 -33.01
CA THR B 424 -18.13 3.23 -32.60
C THR B 424 -18.11 3.10 -31.10
N TYR B 425 -18.85 3.99 -30.42
CA TYR B 425 -19.00 3.97 -28.97
C TYR B 425 -17.72 3.65 -28.20
N ILE B 426 -16.67 4.45 -28.40
CA ILE B 426 -15.43 4.23 -27.68
C ILE B 426 -15.48 4.75 -26.23
N VAL B 427 -15.34 3.85 -25.27
CA VAL B 427 -15.62 4.17 -23.86
C VAL B 427 -14.48 4.92 -23.12
N HIS B 428 -14.85 5.94 -22.37
CA HIS B 428 -13.93 6.61 -21.46
C HIS B 428 -14.52 6.54 -20.08
N CYS B 429 -13.66 6.53 -19.06
CA CYS B 429 -14.10 6.78 -17.70
C CYS B 429 -14.34 8.30 -17.53
N HIS B 430 -15.04 8.65 -16.47
CA HIS B 430 -15.34 10.05 -16.17
C HIS B 430 -14.08 10.91 -16.06
N ASP B 431 -13.09 10.45 -15.32
CA ASP B 431 -11.86 11.22 -15.12
C ASP B 431 -11.06 11.49 -16.39
N CYS B 432 -10.90 10.46 -17.22
CA CYS B 432 -10.17 10.62 -18.47
C CYS B 432 -10.93 11.57 -19.43
N ALA B 433 -12.25 11.48 -19.45
CA ALA B 433 -13.07 12.37 -20.26
C ALA B 433 -12.92 13.83 -19.83
N ARG B 434 -13.05 14.05 -18.51
CA ARG B 434 -12.89 15.34 -17.84
C ARG B 434 -11.52 15.97 -18.12
N LYS B 435 -10.47 15.18 -18.00
CA LYS B 435 -9.13 15.67 -18.29
C LYS B 435 -9.00 16.22 -19.72
N THR B 436 -9.72 15.62 -20.66
CA THR B 436 -9.72 16.04 -22.07
C THR B 436 -10.67 17.22 -22.34
N SER B 437 -11.84 17.17 -21.73
CA SER B 437 -12.91 18.11 -22.01
C SER B 437 -13.46 18.61 -20.68
N LYS B 438 -12.98 19.77 -20.23
CA LYS B 438 -13.18 20.23 -18.84
C LYS B 438 -14.67 20.24 -18.44
N SER B 439 -15.55 20.61 -19.36
CA SER B 439 -16.98 20.63 -19.06
C SER B 439 -17.71 19.48 -19.73
N LEU B 440 -16.95 18.50 -20.23
CA LEU B 440 -17.51 17.36 -20.97
C LEU B 440 -18.26 17.81 -22.22
N GLU B 441 -17.88 18.96 -22.77
CA GLU B 441 -18.57 19.50 -23.93
C GLU B 441 -18.37 18.57 -25.14
N ASN B 442 -17.28 17.81 -25.12
CA ASN B 442 -16.95 16.90 -26.21
C ASN B 442 -17.51 15.48 -26.06
N PHE B 443 -18.21 15.20 -24.97
CA PHE B 443 -18.65 13.84 -24.70
C PHE B 443 -20.17 13.72 -24.56
N VAL B 444 -20.70 12.52 -24.83
CA VAL B 444 -22.05 12.17 -24.37
C VAL B 444 -21.96 11.11 -23.27
N VAL B 445 -22.94 11.10 -22.38
CA VAL B 445 -23.02 10.11 -21.31
C VAL B 445 -24.05 9.02 -21.65
N LEU B 446 -23.57 7.80 -21.84
CA LEU B 446 -24.44 6.67 -22.16
C LEU B 446 -24.73 5.83 -20.91
N GLU B 447 -25.95 5.31 -20.82
CA GLU B 447 -26.34 4.53 -19.64
C GLU B 447 -26.79 3.13 -20.06
N GLN B 448 -26.14 2.11 -19.50
CA GLN B 448 -26.42 0.72 -19.90
C GLN B 448 -27.41 0.00 -18.99
N TYR B 449 -27.61 0.52 -17.78
CA TYR B 449 -28.55 -0.08 -16.84
C TYR B 449 -29.35 1.03 -16.21
N LYS B 450 -30.66 0.82 -16.10
CA LYS B 450 -31.53 1.77 -15.43
C LYS B 450 -31.24 1.74 -13.95
N MET B 451 -31.33 2.88 -13.28
CA MET B 451 -31.03 2.91 -11.87
C MET B 451 -32.02 2.06 -11.08
N GLU B 452 -33.30 2.10 -11.47
CA GLU B 452 -34.34 1.29 -10.83
C GLU B 452 -33.96 -0.19 -10.77
N ASP B 453 -33.43 -0.70 -11.87
CA ASP B 453 -33.05 -2.09 -11.99
C ASP B 453 -31.88 -2.41 -11.04
N LEU B 454 -30.93 -1.49 -10.92
CA LEU B 454 -29.80 -1.69 -10.03
C LEU B 454 -30.22 -1.62 -8.57
N ILE B 455 -31.11 -0.69 -8.24
CA ILE B 455 -31.61 -0.59 -6.87
C ILE B 455 -32.35 -1.88 -6.49
N GLN B 456 -33.14 -2.40 -7.42
CA GLN B 456 -33.86 -3.64 -7.19
C GLN B 456 -32.90 -4.79 -6.88
N VAL B 457 -31.91 -4.96 -7.75
CA VAL B 457 -30.95 -6.05 -7.61
C VAL B 457 -30.30 -5.99 -6.23
N TYR B 458 -29.93 -4.78 -5.82
CA TYR B 458 -29.28 -4.62 -4.52
C TYR B 458 -30.17 -4.99 -3.34
N ASP B 459 -31.42 -4.55 -3.36
CA ASP B 459 -32.32 -4.78 -2.22
C ASP B 459 -32.74 -6.23 -2.13
N GLN B 460 -32.80 -6.89 -3.27
CA GLN B 460 -33.22 -8.27 -3.33
C GLN B 460 -32.05 -9.21 -3.01
N PHE B 461 -30.87 -8.63 -2.84
CA PHE B 461 -29.70 -9.41 -2.48
C PHE B 461 -29.64 -9.60 -0.97
N THR B 462 -30.01 -10.80 -0.50
CA THR B 462 -30.06 -11.07 0.93
C THR B 462 -29.40 -12.39 1.31
N LEU B 463 -29.02 -12.50 2.58
CA LEU B 463 -28.31 -13.64 3.13
C LEU B 463 -29.27 -14.81 3.31
N ALA B 464 -29.06 -15.87 2.54
CA ALA B 464 -29.84 -17.09 2.68
C ALA B 464 -29.37 -17.88 3.85
N LEU B 465 -30.30 -18.53 4.55
CA LEU B 465 -29.87 -19.46 5.58
C LEU B 465 -29.63 -20.81 4.96
N SER B 466 -28.42 -21.31 5.15
CA SER B 466 -28.07 -22.66 4.81
C SER B 466 -27.30 -23.28 5.95
N LEU B 467 -27.52 -24.57 6.21
CA LEU B 467 -26.81 -25.26 7.28
C LEU B 467 -25.53 -25.93 6.80
N SER B 468 -25.22 -25.83 5.50
CA SER B 468 -24.09 -26.55 4.93
C SER B 468 -22.73 -26.05 5.41
ZN ZN C . 0.04 37.83 9.46
MN MN D . 6.56 12.40 19.64
OXT FUM E . 7.99 11.63 20.78
C FUM E . 9.00 11.01 20.54
O FUM E . 9.12 10.24 19.51
C4 FUM E . 10.14 11.04 21.48
C5 FUM E . 11.18 10.27 21.32
C6 FUM E . 12.43 10.07 22.08
O7 FUM E . 13.23 9.13 21.62
O8 FUM E . 12.67 10.72 23.09
C1 EDO F . 25.40 4.48 22.43
O1 EDO F . 25.72 3.36 23.27
C2 EDO F . 24.62 4.03 21.18
O2 EDO F . 25.50 3.44 20.21
C1 EDO G . 26.88 4.02 26.19
O1 EDO G . 27.70 4.69 25.22
C2 EDO G . 26.97 2.51 25.96
O2 EDO G . 26.07 1.83 26.83
C1 EDO H . 0.57 -2.64 30.97
O1 EDO H . 1.16 -1.42 31.46
C2 EDO H . -0.71 -2.95 31.76
O2 EDO H . -1.18 -4.27 31.46
C1 EDO I . 6.80 34.20 -3.40
O1 EDO I . 7.52 34.87 -4.43
C2 EDO I . 7.18 34.80 -2.05
O2 EDO I . 8.55 34.53 -1.73
C1 EDO J . 14.05 -6.58 18.44
O1 EDO J . 13.04 -5.75 19.01
C2 EDO J . 14.22 -6.26 16.94
O2 EDO J . 15.60 -6.32 16.59
C1 EDO K . 24.07 -1.22 17.99
O1 EDO K . 23.70 -0.08 17.20
C2 EDO K . 23.80 -0.83 19.44
O2 EDO K . 24.21 0.54 19.58
C1 EDO L . 9.31 13.59 14.36
O1 EDO L . 10.43 14.39 14.80
C2 EDO L . 8.87 12.60 15.41
O2 EDO L . 8.45 13.32 16.60
ZN ZN M . -9.83 6.38 -17.88
MN MN N . -0.26 -19.89 -13.27
OXT FUM O . -0.11 -22.77 -14.90
C FUM O . 1.01 -22.10 -14.78
O FUM O . 1.12 -21.14 -14.05
C4 FUM O . 2.15 -22.56 -15.60
C5 FUM O . 2.06 -23.61 -16.38
C6 FUM O . 3.05 -24.22 -17.30
O7 FUM O . 4.15 -23.74 -17.50
O8 FUM O . 2.63 -25.30 -17.87
C1 EDO P . 17.17 -8.80 -10.32
O1 EDO P . 17.69 -9.24 -11.57
C2 EDO P . 18.25 -8.92 -9.25
O2 EDO P . 18.44 -10.30 -8.91
C1 EDO Q . 13.27 -10.34 0.20
O1 EDO Q . 14.55 -10.23 0.83
C2 EDO Q . 12.76 -8.94 -0.15
O2 EDO Q . 12.51 -8.20 1.04
C1 EDO R . 9.14 -34.83 -27.86
O1 EDO R . 7.98 -34.93 -28.70
C2 EDO R . 9.41 -36.17 -27.19
O2 EDO R . 8.23 -36.61 -26.52
C1 EDO S . 3.88 -35.51 -27.26
O1 EDO S . 2.61 -34.83 -27.15
C2 EDO S . 4.96 -34.47 -27.07
O2 EDO S . 4.34 -33.39 -26.35
C1 EDO T . -15.09 -28.52 -18.54
O1 EDO T . -13.97 -28.24 -17.70
C2 EDO T . -15.96 -27.27 -18.71
O2 EDO T . -17.16 -27.42 -17.94
C1 EDO U . -9.69 -19.59 -32.30
O1 EDO U . -8.66 -18.75 -31.76
C2 EDO U . -10.94 -18.75 -32.61
O2 EDO U . -11.19 -18.76 -34.03
C1 EDO V . -5.22 3.08 -12.96
O1 EDO V . -4.53 3.36 -14.19
C2 EDO V . -6.47 2.24 -13.24
O2 EDO V . -6.17 1.20 -14.18
C1 EDO W . -4.56 -20.23 -17.66
O1 EDO W . -3.87 -19.03 -18.07
C2 EDO W . -4.36 -20.47 -16.16
O2 EDO W . -3.10 -19.90 -15.77
#